data_7ZO1
#
_entry.id   7ZO1
#
_cell.length_a   177.410
_cell.length_b   69.200
_cell.length_c   188.460
_cell.angle_alpha   90.000
_cell.angle_beta   111.770
_cell.angle_gamma   90.000
#
_symmetry.space_group_name_H-M   'C 1 2 1'
#
loop_
_entity.id
_entity.type
_entity.pdbx_description
1 polymer 'CD34 sgRNA'
2 polymer 'CRISPR-associated endonuclease Cas9/Csn1'
3 polymer 'CD34 off-target9 DNA target strand'
4 polymer 'CD34 off-target9 DNA non-target strand'
5 non-polymer 'MAGNESIUM ION'
6 non-polymer 'POTASSIUM ION'
7 water water
#
loop_
_entity_poly.entity_id
_entity_poly.type
_entity_poly.pdbx_seq_one_letter_code
_entity_poly.pdbx_strand_id
1 'polyribonucleotide'
;AGGAUAGGAGAAGAUGAUGUAUAGUUUUAGAGCUAGAAAUAGCAAGUUAAAAUAAGGCUAGUCCGUUAUCAACUUGAAAA
AGUGA
;
A
2 'polypeptide(L)'
;MDKKYSIGLAIGTNSVGWAVITDEYKVPSKKFKVLGNTDRHSIKKNLIGALLFDSGETAEATRLKRTARRRYTRRKNRIC
YLQEIFSNEMAKVDDSFFHRLEESFLVEEDKKHERHPIFGNIVDEVAYHEKYPTIYHLRKKLVDSTDKADLRLIYLALAH
MIKFRGHFLIEGDLNPDNSDVDKLFIQLVQTYNQLFEENPINASGVDAKAILSARLSKSRRLENLIAQLPGEKKNGLFGN
LIALSLGLTPNFKSNFDLAEDAKLQLSKDTYDDDLDNLLAQIGDQYADLFLAAKNLSDAILLSDILRVNTEITKAPLSAS
MIKRYDEHHQDLTLLKALVRQQLPEKYKEIFFDQSKNGYAGYIDGGASQEEFYKFIKPILEKMDGTEELLVKLNREDLLR
KQRTFDNGSIPHQIHLGELHAILRRQEDFYPFLKDNREKIEKILTFRIPYYVGPLARGNSRFAWMTRKSEETITPWNFEE
VVDKGASAQSFIERMTNFDKNLPNEKVLPKHSLLYEYFTVYNELTKVKYVTEGMRKPAFLSGEQKKAIVDLLFKTNRKVT
VKQLKEDYFKKIECFDSVEISGVEDRFNASLGTYHDLLKIIKDKDFLDNEENEDILEDIVLTLTLFEDREMIEERLKTYA
HLFDDKVMKQLKRRRYTGWGRLSRKLINGIRDKQSGKTILDFLKSDGFANRNFMQLIHDDSLTFKEDIQKAQVSGQGDSL
HEHIANLAGSPAIKKGILQTVKVVDELVKVMGRHKPENIVIEMARENQTTQKGQKNSRERMKRIEEGIKELGSQILKEHP
VENTQLQNEKLYLYYLQNGRDMYVDQELDINRLSDYDVDAIVPQSFLKDDSIDNKVLTRSDKNRGKSDNVPSEEVVKKMK
NYWRQLLNAKLITQRKFDNLTKAERGGLSELDKAGFIKRQLVETRQITKHVAQILDSRMNTKYDENDKLIREVKVITLKS
KLVSDFRKDFQFYKVREINNYHHAHDAYLNAVVGTALIKKYPKLESEFVYGDYKVYDVRKMIAKSEQEIGKATAKYFFYS
NIMNFFKTEITLANGEIRKRPLIETNGETGEIVWDKGRDFATVRKVLSMPQVNIVKKTEVQTGGFSKESILPKRNSDKLI
ARKKDWDPKKYGGFDSPTVAYSVLVVAKVEKGKSKKLKSVKELLGITIMERSSFEKNPIDFLEAKGYKEVKKDLIIKLPK
YSLFELENGRKRMLASAGELQKGNELALPSKYVNFLYLASHYEKLKGSPEDNEQKQLFVEQHKHYLDEIIEQISEFSKRV
ILADANLDKVLSAYNKHRDKPIREQAENIIHLFTLTNLGAPAAFKYFDTTIDRKRYTSTKEVLDATLIHQSITGLYETRI
DLSQLGGD
;
B
3 'polydeoxyribonucleotide'
;(DC)(DA)(DA)(DT)(DA)(DC)(DC)(DA)(DT)(DA)(DT)(DT)(DC)(DA)(DT)(DC)(DA)(DT)(DC)(DT)
(DT)(DC)(DC)(DC)(DT)(DA)(DT)(DC)
;
C
4 'polydeoxyribonucleotide' (DA)(DA)(DT)(DA)(DT)(DG)(DG)(DT)(DA)(DT)(DT)(DG) D
#
loop_
_chem_comp.id
_chem_comp.type
_chem_comp.name
_chem_comp.formula
A RNA linking ADENOSINE-5'-MONOPHOSPHATE 'C10 H14 N5 O7 P'
C RNA linking CYTIDINE-5'-MONOPHOSPHATE 'C9 H14 N3 O8 P'
DA DNA linking 2'-DEOXYADENOSINE-5'-MONOPHOSPHATE 'C10 H14 N5 O6 P'
DC DNA linking 2'-DEOXYCYTIDINE-5'-MONOPHOSPHATE 'C9 H14 N3 O7 P'
DG DNA linking 2'-DEOXYGUANOSINE-5'-MONOPHOSPHATE 'C10 H14 N5 O7 P'
DT DNA linking THYMIDINE-5'-MONOPHOSPHATE 'C10 H15 N2 O8 P'
G RNA linking GUANOSINE-5'-MONOPHOSPHATE 'C10 H14 N5 O8 P'
K non-polymer 'POTASSIUM ION' 'K 1'
MG non-polymer 'MAGNESIUM ION' 'Mg 2'
U RNA linking URIDINE-5'-MONOPHOSPHATE 'C9 H13 N2 O9 P'
#
# COMPACT_ATOMS: atom_id res chain seq x y z
N LYS B 3 -32.31 26.10 25.97
CA LYS B 3 -30.95 25.60 26.02
C LYS B 3 -30.39 25.33 24.63
N LYS B 4 -29.71 26.32 24.06
CA LYS B 4 -29.10 26.21 22.74
C LYS B 4 -27.59 26.00 22.90
N TYR B 5 -27.02 25.18 22.02
CA TYR B 5 -25.60 24.88 22.12
C TYR B 5 -25.05 24.56 20.74
N SER B 6 -23.72 24.64 20.64
CA SER B 6 -22.99 24.26 19.44
C SER B 6 -21.90 23.27 19.81
N ILE B 7 -21.44 22.52 18.81
CA ILE B 7 -20.46 21.46 18.98
C ILE B 7 -19.27 21.74 18.08
N GLY B 8 -18.07 21.71 18.64
CA GLY B 8 -16.83 21.82 17.89
C GLY B 8 -16.11 20.49 17.86
N LEU B 9 -15.58 20.13 16.68
CA LEU B 9 -14.96 18.84 16.42
C LEU B 9 -13.64 19.03 15.70
N ALA B 10 -12.61 18.33 16.19
CA ALA B 10 -11.29 18.29 15.57
C ALA B 10 -10.98 16.84 15.24
N ILE B 11 -11.01 16.50 13.95
CA ILE B 11 -10.92 15.12 13.49
C ILE B 11 -9.49 14.84 13.05
N GLY B 12 -8.88 13.81 13.64
CA GLY B 12 -7.54 13.39 13.27
C GLY B 12 -7.47 11.89 13.07
N THR B 13 -6.28 11.44 12.68
CA THR B 13 -6.06 10.01 12.46
C THR B 13 -5.89 9.24 13.76
N ASN B 14 -5.61 9.91 14.88
CA ASN B 14 -5.48 9.25 16.16
C ASN B 14 -6.26 9.96 17.26
N SER B 15 -7.10 10.91 16.92
CA SER B 15 -7.82 11.68 17.93
C SER B 15 -9.07 12.30 17.32
N VAL B 16 -10.09 12.43 18.16
CA VAL B 16 -11.29 13.21 17.85
C VAL B 16 -11.51 14.11 19.06
N GLY B 17 -11.17 15.39 18.93
CA GLY B 17 -11.46 16.35 19.96
C GLY B 17 -12.85 16.93 19.81
N TRP B 18 -13.48 17.23 20.94
CA TRP B 18 -14.87 17.66 20.95
C TRP B 18 -15.07 18.68 22.06
N ALA B 19 -15.97 19.63 21.80
CA ALA B 19 -16.35 20.62 22.79
C ALA B 19 -17.79 21.05 22.58
N VAL B 20 -18.45 21.41 23.67
CA VAL B 20 -19.81 21.94 23.65
C VAL B 20 -19.76 23.38 24.16
N ILE B 21 -20.25 24.32 23.36
CA ILE B 21 -20.29 25.72 23.76
C ILE B 21 -21.74 26.19 23.78
N THR B 22 -22.00 27.23 24.58
CA THR B 22 -23.30 27.88 24.63
C THR B 22 -23.27 29.16 23.78
N ASP B 23 -24.27 30.01 23.97
CA ASP B 23 -24.31 31.28 23.25
C ASP B 23 -23.17 32.19 23.67
N GLU B 24 -22.83 32.18 24.96
CA GLU B 24 -21.73 32.98 25.49
C GLU B 24 -20.36 32.32 25.27
N TYR B 25 -20.29 31.32 24.39
CA TYR B 25 -19.03 30.62 24.10
C TYR B 25 -18.43 29.97 25.34
N LYS B 26 -19.28 29.56 26.27
CA LYS B 26 -18.87 28.86 27.48
C LYS B 26 -19.08 27.35 27.32
N VAL B 27 -18.29 26.58 28.06
CA VAL B 27 -18.42 25.13 28.10
C VAL B 27 -19.22 24.76 29.35
N PRO B 28 -20.40 24.14 29.20
CA PRO B 28 -21.18 23.76 30.38
C PRO B 28 -20.48 22.72 31.23
N SER B 29 -20.98 22.57 32.45
CA SER B 29 -20.46 21.60 33.41
C SER B 29 -21.64 20.94 34.09
N LYS B 30 -21.74 19.62 33.95
CA LYS B 30 -22.89 18.88 34.45
C LYS B 30 -22.47 17.87 35.51
N LYS B 31 -23.47 17.35 36.21
CA LYS B 31 -23.31 16.19 37.08
C LYS B 31 -23.78 14.96 36.33
N PHE B 32 -22.93 13.94 36.27
CA PHE B 32 -23.24 12.69 35.61
C PHE B 32 -23.29 11.56 36.65
N LYS B 33 -24.32 10.72 36.53
CA LYS B 33 -24.44 9.57 37.40
C LYS B 33 -23.27 8.62 37.21
N VAL B 34 -22.85 7.99 38.31
CA VAL B 34 -21.74 7.03 38.31
C VAL B 34 -22.29 5.69 38.74
N LEU B 35 -22.21 4.70 37.86
CA LEU B 35 -22.65 3.34 38.17
C LEU B 35 -21.52 2.56 38.84
N GLY B 36 -21.84 1.32 39.26
CA GLY B 36 -20.85 0.44 39.85
C GLY B 36 -21.17 0.13 41.30
N ASN B 37 -20.11 -0.13 42.08
CA ASN B 37 -20.27 -0.55 43.46
C ASN B 37 -19.41 0.27 44.41
N THR B 38 -18.98 1.45 44.00
CA THR B 38 -18.20 2.32 44.87
C THR B 38 -19.11 3.29 45.60
N ASP B 39 -18.51 4.06 46.51
CA ASP B 39 -19.28 5.02 47.30
C ASP B 39 -19.71 6.23 46.49
N ARG B 40 -19.04 6.50 45.37
CA ARG B 40 -19.37 7.66 44.54
C ARG B 40 -20.59 7.36 43.68
N HIS B 41 -21.54 8.29 43.68
CA HIS B 41 -22.78 8.15 42.93
C HIS B 41 -22.88 9.09 41.74
N SER B 42 -22.03 10.13 41.69
CA SER B 42 -22.08 11.10 40.61
C SER B 42 -20.72 11.80 40.55
N ILE B 43 -20.54 12.58 39.48
CA ILE B 43 -19.27 13.26 39.27
C ILE B 43 -19.50 14.47 38.38
N LYS B 44 -18.73 15.53 38.62
CA LYS B 44 -18.81 16.73 37.79
C LYS B 44 -17.94 16.56 36.54
N LYS B 45 -18.50 16.93 35.39
CA LYS B 45 -17.80 16.82 34.12
C LYS B 45 -17.99 18.10 33.30
N ASN B 46 -16.88 18.66 32.83
CA ASN B 46 -16.91 19.69 31.80
C ASN B 46 -17.17 19.05 30.44
N LEU B 47 -17.95 19.73 29.60
CA LEU B 47 -18.33 19.18 28.31
C LEU B 47 -17.29 19.52 27.23
N ILE B 48 -16.08 19.01 27.46
CA ILE B 48 -14.98 19.17 26.53
C ILE B 48 -14.02 18.01 26.74
N GLY B 49 -13.48 17.49 25.64
CA GLY B 49 -12.55 16.38 25.77
C GLY B 49 -12.02 15.92 24.43
N ALA B 50 -11.41 14.74 24.44
CA ALA B 50 -10.82 14.17 23.24
C ALA B 50 -10.76 12.66 23.38
N LEU B 51 -11.16 11.96 22.32
CA LEU B 51 -11.00 10.52 22.22
C LEU B 51 -9.69 10.22 21.50
N LEU B 52 -8.86 9.39 22.11
CA LEU B 52 -7.59 8.96 21.54
C LEU B 52 -7.67 7.49 21.17
N PHE B 53 -7.09 7.13 20.02
CA PHE B 53 -7.19 5.76 19.53
C PHE B 53 -5.99 5.42 18.66
N ASP B 54 -5.65 4.12 18.64
CA ASP B 54 -4.60 3.64 17.76
C ASP B 54 -5.06 3.75 16.30
N SER B 55 -4.08 3.95 15.41
CA SER B 55 -4.37 4.17 14.00
C SER B 55 -5.05 2.94 13.38
N GLY B 56 -5.99 3.21 12.49
CA GLY B 56 -6.52 2.15 11.64
C GLY B 56 -5.50 1.75 10.59
N GLU B 57 -5.52 0.47 10.24
CA GLU B 57 -4.53 -0.11 9.35
C GLU B 57 -5.13 -0.43 7.99
N THR B 58 -4.31 -0.32 6.95
CA THR B 58 -4.72 -0.77 5.63
C THR B 58 -4.81 -2.30 5.60
N ALA B 59 -5.36 -2.81 4.51
CA ALA B 59 -5.54 -4.25 4.33
C ALA B 59 -4.35 -4.92 3.65
N GLU B 60 -3.26 -4.18 3.44
CA GLU B 60 -2.17 -4.68 2.60
C GLU B 60 -1.49 -5.89 3.23
N ALA B 61 -1.05 -5.77 4.48
CA ALA B 61 -0.34 -6.86 5.13
C ALA B 61 -1.17 -8.13 5.18
N THR B 62 -2.47 -7.98 5.47
CA THR B 62 -3.38 -9.12 5.47
C THR B 62 -3.43 -9.79 4.10
N ARG B 63 -3.56 -8.99 3.04
CA ARG B 63 -3.63 -9.56 1.68
C ARG B 63 -2.33 -10.27 1.32
N LEU B 64 -1.20 -9.69 1.69
CA LEU B 64 0.09 -10.30 1.37
C LEU B 64 0.23 -11.66 2.06
N LYS B 65 -0.10 -11.72 3.35
CA LYS B 65 -0.05 -13.00 4.04
C LYS B 65 -1.05 -13.99 3.46
N ARG B 66 -2.21 -13.51 3.00
CA ARG B 66 -3.20 -14.39 2.38
C ARG B 66 -2.64 -15.05 1.12
N THR B 67 -2.03 -14.25 0.25
CA THR B 67 -1.49 -14.79 -0.99
C THR B 67 -0.28 -15.69 -0.74
N ALA B 68 0.53 -15.37 0.27
CA ALA B 68 1.63 -16.28 0.62
C ALA B 68 1.10 -17.62 1.10
N ARG B 69 0.05 -17.61 1.93
CA ARG B 69 -0.61 -18.86 2.32
C ARG B 69 -1.03 -19.66 1.10
N ARG B 70 -1.71 -19.00 0.16
CA ARG B 70 -2.15 -19.68 -1.06
C ARG B 70 -0.97 -20.31 -1.80
N ARG B 71 0.13 -19.58 -1.91
CA ARG B 71 1.28 -20.10 -2.65
C ARG B 71 1.88 -21.32 -1.98
N TYR B 72 1.99 -21.30 -0.64
CA TYR B 72 2.47 -22.49 0.07
C TYR B 72 1.55 -23.69 -0.17
N THR B 73 0.24 -23.46 -0.08
CA THR B 73 -0.72 -24.55 -0.30
C THR B 73 -0.56 -25.15 -1.71
N ARG B 74 -0.42 -24.29 -2.71
CA ARG B 74 -0.35 -24.79 -4.09
C ARG B 74 1.00 -25.44 -4.40
N ARG B 75 2.09 -24.97 -3.78
CA ARG B 75 3.37 -25.65 -3.90
C ARG B 75 3.30 -27.06 -3.32
N LYS B 76 2.72 -27.18 -2.12
CA LYS B 76 2.52 -28.50 -1.53
C LYS B 76 1.69 -29.39 -2.45
N ASN B 77 0.65 -28.83 -3.07
CA ASN B 77 -0.17 -29.63 -3.98
C ASN B 77 0.61 -30.05 -5.22
N ARG B 78 1.54 -29.22 -5.70
CA ARG B 78 2.40 -29.64 -6.80
C ARG B 78 3.21 -30.88 -6.41
N ILE B 79 3.82 -30.84 -5.23
CA ILE B 79 4.61 -31.98 -4.77
C ILE B 79 3.72 -33.22 -4.60
N CYS B 80 2.48 -33.01 -4.16
CA CYS B 80 1.56 -34.14 -3.99
C CYS B 80 1.18 -34.75 -5.33
N TYR B 81 0.96 -33.91 -6.35
CA TYR B 81 0.71 -34.43 -7.70
C TYR B 81 1.87 -35.30 -8.17
N LEU B 82 3.09 -34.79 -8.04
CA LEU B 82 4.25 -35.54 -8.51
C LEU B 82 4.40 -36.85 -7.75
N GLN B 83 4.20 -36.83 -6.43
CA GLN B 83 4.30 -38.04 -5.64
C GLN B 83 3.24 -39.05 -6.02
N GLU B 84 2.01 -38.59 -6.27
CA GLU B 84 0.97 -39.53 -6.67
C GLU B 84 1.28 -40.13 -8.04
N ILE B 85 1.99 -39.39 -8.89
CA ILE B 85 2.42 -39.97 -10.15
C ILE B 85 3.47 -41.05 -9.92
N PHE B 86 4.41 -40.82 -8.99
CA PHE B 86 5.48 -41.79 -8.77
C PHE B 86 5.08 -42.98 -7.90
N SER B 87 3.96 -42.87 -7.19
CA SER B 87 3.54 -43.76 -6.11
C SER B 87 3.82 -45.25 -6.29
N ASN B 88 3.19 -45.90 -7.27
CA ASN B 88 3.23 -47.36 -7.35
C ASN B 88 4.64 -47.87 -7.67
N GLU B 89 5.31 -47.24 -8.64
CA GLU B 89 6.66 -47.67 -8.99
C GLU B 89 7.63 -47.42 -7.84
N MET B 90 7.47 -46.30 -7.12
CA MET B 90 8.28 -46.08 -5.94
C MET B 90 8.03 -47.15 -4.89
N ALA B 91 6.77 -47.55 -4.74
CA ALA B 91 6.43 -48.62 -3.80
C ALA B 91 7.15 -49.91 -4.17
N LYS B 92 7.20 -50.22 -5.47
CA LYS B 92 7.98 -51.38 -5.90
C LYS B 92 9.46 -51.20 -5.62
N VAL B 93 9.97 -49.96 -5.67
CA VAL B 93 11.38 -49.72 -5.39
C VAL B 93 11.63 -49.58 -3.89
N ASP B 94 10.91 -48.67 -3.23
CA ASP B 94 11.11 -48.39 -1.81
C ASP B 94 9.77 -48.00 -1.21
N ASP B 95 9.18 -48.89 -0.42
CA ASP B 95 7.82 -48.69 0.10
C ASP B 95 7.74 -47.63 1.20
N SER B 96 8.87 -47.07 1.66
CA SER B 96 8.84 -46.07 2.72
C SER B 96 9.60 -44.80 2.37
N PHE B 97 9.95 -44.60 1.09
CA PHE B 97 10.74 -43.43 0.70
C PHE B 97 9.98 -42.13 0.98
N PHE B 98 8.73 -42.04 0.50
CA PHE B 98 7.94 -40.84 0.76
C PHE B 98 7.65 -40.65 2.24
N HIS B 99 7.56 -41.75 3.00
CA HIS B 99 7.37 -41.62 4.44
C HIS B 99 8.60 -41.02 5.11
N ARG B 100 9.80 -41.43 4.68
CA ARG B 100 11.01 -40.82 5.22
C ARG B 100 11.12 -39.35 4.82
N LEU B 101 10.69 -39.02 3.60
CA LEU B 101 10.68 -37.62 3.18
C LEU B 101 9.73 -36.79 4.03
N GLU B 102 8.56 -37.35 4.36
CA GLU B 102 7.55 -36.58 5.08
C GLU B 102 8.00 -36.26 6.50
N GLU B 103 8.68 -37.21 7.16
CA GLU B 103 9.09 -37.05 8.55
C GLU B 103 10.56 -36.64 8.68
N SER B 104 11.16 -36.11 7.61
CA SER B 104 12.57 -35.73 7.67
C SER B 104 12.85 -34.75 8.80
N PHE B 105 11.84 -33.96 9.19
CA PHE B 105 11.98 -32.94 10.21
C PHE B 105 11.99 -33.52 11.63
N LEU B 106 11.52 -34.75 11.80
CA LEU B 106 11.35 -35.32 13.13
C LEU B 106 12.68 -35.80 13.70
N VAL B 107 12.79 -35.72 15.03
CA VAL B 107 13.93 -36.31 15.73
C VAL B 107 13.88 -37.83 15.62
N GLU B 108 15.05 -38.46 15.73
CA GLU B 108 15.15 -39.90 15.57
C GLU B 108 14.22 -40.65 16.51
N GLU B 109 14.07 -40.17 17.75
CA GLU B 109 13.10 -40.75 18.67
C GLU B 109 11.70 -40.77 18.08
N ASP B 110 11.31 -39.67 17.42
CA ASP B 110 9.96 -39.59 16.86
C ASP B 110 9.86 -40.22 15.47
N LYS B 111 10.98 -40.47 14.80
CA LYS B 111 10.96 -41.07 13.47
C LYS B 111 10.44 -42.50 13.55
N LYS B 112 9.56 -42.86 12.63
CA LYS B 112 9.06 -44.23 12.55
C LYS B 112 9.87 -45.10 11.59
N HIS B 113 10.69 -44.48 10.74
CA HIS B 113 11.54 -45.18 9.80
C HIS B 113 13.00 -44.75 10.04
N GLU B 114 13.89 -45.24 9.17
CA GLU B 114 15.31 -44.97 9.33
CA GLU B 114 15.32 -44.97 9.33
C GLU B 114 15.62 -43.49 9.12
N ARG B 115 16.58 -42.99 9.88
CA ARG B 115 16.89 -41.56 9.89
C ARG B 115 17.53 -41.06 8.59
N HIS B 116 17.96 -41.95 7.71
CA HIS B 116 18.58 -41.52 6.46
C HIS B 116 17.53 -41.47 5.36
N PRO B 117 17.22 -40.28 4.82
CA PRO B 117 16.01 -40.11 4.00
C PRO B 117 16.02 -40.87 2.68
N ILE B 118 17.07 -40.68 1.88
CA ILE B 118 17.04 -41.12 0.50
C ILE B 118 17.04 -42.65 0.42
N PHE B 119 18.03 -43.29 1.06
CA PHE B 119 18.23 -44.71 0.88
C PHE B 119 17.90 -45.56 2.11
N GLY B 120 17.89 -44.98 3.30
CA GLY B 120 17.56 -45.73 4.50
C GLY B 120 18.71 -46.46 5.16
N ASN B 121 19.95 -46.26 4.69
CA ASN B 121 21.12 -46.79 5.36
C ASN B 121 22.26 -45.80 5.17
N ILE B 122 23.14 -45.76 6.16
CA ILE B 122 24.14 -44.69 6.22
C ILE B 122 25.17 -44.83 5.09
N VAL B 123 25.49 -46.05 4.70
CA VAL B 123 26.54 -46.25 3.69
C VAL B 123 26.11 -45.64 2.36
N ASP B 124 24.90 -45.97 1.91
CA ASP B 124 24.40 -45.44 0.64
C ASP B 124 24.21 -43.94 0.70
N GLU B 125 23.82 -43.41 1.85
CA GLU B 125 23.61 -41.97 1.98
C GLU B 125 24.92 -41.21 1.88
N VAL B 126 25.95 -41.69 2.58
CA VAL B 126 27.26 -41.07 2.49
C VAL B 126 27.78 -41.16 1.05
N ALA B 127 27.56 -42.31 0.40
CA ALA B 127 27.99 -42.46 -0.99
C ALA B 127 27.30 -41.46 -1.91
N TYR B 128 25.98 -41.27 -1.74
CA TYR B 128 25.26 -40.30 -2.56
C TYR B 128 25.80 -38.90 -2.35
N HIS B 129 25.96 -38.49 -1.09
CA HIS B 129 26.45 -37.14 -0.84
C HIS B 129 27.87 -36.95 -1.34
N GLU B 130 28.66 -38.03 -1.41
CA GLU B 130 30.01 -37.91 -1.94
C GLU B 130 29.99 -37.78 -3.46
N LYS B 131 29.10 -38.53 -4.14
CA LYS B 131 29.01 -38.41 -5.59
C LYS B 131 28.26 -37.15 -6.02
N TYR B 132 27.28 -36.70 -5.23
CA TYR B 132 26.45 -35.55 -5.58
C TYR B 132 26.42 -34.58 -4.40
N PRO B 133 27.45 -33.74 -4.27
CA PRO B 133 27.49 -32.82 -3.11
C PRO B 133 26.39 -31.77 -3.11
N THR B 134 25.82 -31.42 -4.25
CA THR B 134 24.63 -30.58 -4.32
C THR B 134 23.60 -31.25 -5.21
N ILE B 135 22.35 -30.78 -5.11
CA ILE B 135 21.28 -31.29 -5.95
C ILE B 135 21.55 -30.99 -7.42
N TYR B 136 22.35 -29.97 -7.70
CA TYR B 136 22.62 -29.61 -9.09
C TYR B 136 23.56 -30.60 -9.76
N HIS B 137 24.47 -31.22 -8.99
CA HIS B 137 25.25 -32.32 -9.54
C HIS B 137 24.34 -33.43 -10.04
N LEU B 138 23.38 -33.84 -9.21
CA LEU B 138 22.44 -34.88 -9.62
C LEU B 138 21.60 -34.43 -10.81
N ARG B 139 21.19 -33.17 -10.83
CA ARG B 139 20.40 -32.66 -11.95
C ARG B 139 21.18 -32.72 -13.25
N LYS B 140 22.44 -32.27 -13.23
CA LYS B 140 23.26 -32.33 -14.43
C LYS B 140 23.51 -33.77 -14.87
N LYS B 141 23.80 -34.66 -13.91
CA LYS B 141 24.04 -36.06 -14.26
C LYS B 141 22.80 -36.67 -14.90
N LEU B 142 21.62 -36.40 -14.34
CA LEU B 142 20.40 -36.94 -14.91
C LEU B 142 20.02 -36.31 -16.24
N VAL B 143 20.52 -35.09 -16.51
CA VAL B 143 20.29 -34.50 -17.82
C VAL B 143 21.21 -35.13 -18.87
N ASP B 144 22.47 -35.37 -18.50
CA ASP B 144 23.49 -35.71 -19.49
C ASP B 144 23.73 -37.20 -19.67
N SER B 145 23.41 -38.03 -18.68
CA SER B 145 23.75 -39.44 -18.74
C SER B 145 22.67 -40.27 -19.43
N THR B 146 23.10 -41.35 -20.08
CA THR B 146 22.21 -42.27 -20.77
C THR B 146 21.87 -43.50 -19.95
N ASP B 147 22.41 -43.62 -18.74
CA ASP B 147 22.22 -44.82 -17.94
C ASP B 147 20.93 -44.74 -17.13
N LYS B 148 20.31 -45.90 -16.92
CA LYS B 148 19.14 -45.98 -16.06
C LYS B 148 19.52 -45.59 -14.64
N ALA B 149 18.74 -44.68 -14.05
CA ALA B 149 19.03 -44.13 -12.74
C ALA B 149 18.04 -44.67 -11.71
N ASP B 150 18.48 -44.67 -10.46
CA ASP B 150 17.61 -45.02 -9.35
C ASP B 150 16.42 -44.07 -9.33
N LEU B 151 15.22 -44.64 -9.14
CA LEU B 151 13.99 -43.85 -9.24
C LEU B 151 13.92 -42.76 -8.16
N ARG B 152 14.57 -42.98 -7.01
CA ARG B 152 14.52 -42.00 -5.94
C ARG B 152 15.28 -40.73 -6.31
N LEU B 153 16.43 -40.88 -6.98
CA LEU B 153 17.17 -39.71 -7.43
C LEU B 153 16.41 -38.95 -8.51
N ILE B 154 15.74 -39.70 -9.40
CA ILE B 154 14.89 -39.07 -10.41
C ILE B 154 13.81 -38.24 -9.75
N TYR B 155 13.13 -38.81 -8.75
CA TYR B 155 12.09 -38.06 -8.06
C TYR B 155 12.68 -36.83 -7.39
N LEU B 156 13.82 -36.97 -6.72
CA LEU B 156 14.39 -35.82 -6.01
C LEU B 156 14.72 -34.70 -6.98
N ALA B 157 15.25 -35.03 -8.16
CA ALA B 157 15.57 -34.00 -9.14
C ALA B 157 14.31 -33.31 -9.67
N LEU B 158 13.31 -34.10 -10.09
CA LEU B 158 12.07 -33.53 -10.58
C LEU B 158 11.38 -32.69 -9.50
N ALA B 159 11.49 -33.13 -8.24
CA ALA B 159 10.85 -32.41 -7.14
C ALA B 159 11.56 -31.10 -6.84
N HIS B 160 12.89 -31.10 -6.87
CA HIS B 160 13.62 -29.85 -6.70
C HIS B 160 13.25 -28.86 -7.80
N MET B 161 13.02 -29.36 -9.01
CA MET B 161 12.63 -28.46 -10.09
C MET B 161 11.21 -27.93 -9.93
N ILE B 162 10.27 -28.79 -9.54
CA ILE B 162 8.87 -28.38 -9.46
C ILE B 162 8.62 -27.50 -8.24
N LYS B 163 9.29 -27.79 -7.12
CA LYS B 163 9.08 -27.01 -5.91
C LYS B 163 9.66 -25.62 -6.02
N PHE B 164 10.74 -25.45 -6.79
CA PHE B 164 11.40 -24.15 -6.99
C PHE B 164 11.53 -23.94 -8.50
N ARG B 165 10.43 -23.51 -9.12
CA ARG B 165 10.29 -23.63 -10.57
C ARG B 165 10.69 -22.36 -11.33
N GLY B 166 10.98 -21.26 -10.67
CA GLY B 166 11.37 -20.04 -11.35
C GLY B 166 10.18 -19.20 -11.80
N HIS B 167 10.48 -17.99 -12.26
CA HIS B 167 9.44 -17.00 -12.51
C HIS B 167 8.76 -17.26 -13.86
N PHE B 168 7.73 -16.46 -14.13
CA PHE B 168 6.92 -16.57 -15.34
C PHE B 168 6.80 -15.21 -16.02
N LEU B 169 7.89 -14.44 -16.03
CA LEU B 169 7.84 -13.11 -16.61
C LEU B 169 8.03 -13.10 -18.12
N ILE B 170 8.69 -14.12 -18.66
CA ILE B 170 8.94 -14.23 -20.09
C ILE B 170 7.91 -15.16 -20.70
N GLU B 171 7.30 -14.73 -21.80
CA GLU B 171 6.31 -15.53 -22.51
C GLU B 171 6.97 -16.36 -23.59
N GLY B 172 6.35 -17.50 -23.91
CA GLY B 172 6.86 -18.36 -24.95
C GLY B 172 7.97 -19.26 -24.47
N ASP B 173 8.73 -19.77 -25.43
CA ASP B 173 9.84 -20.67 -25.18
C ASP B 173 11.16 -19.92 -25.29
N LEU B 174 12.22 -20.51 -24.74
CA LEU B 174 13.54 -19.90 -24.74
C LEU B 174 14.53 -20.66 -25.61
N ASN B 175 14.78 -21.94 -25.33
CA ASN B 175 15.77 -22.76 -26.02
C ASN B 175 17.13 -22.07 -25.98
N PRO B 176 17.85 -22.16 -24.87
CA PRO B 176 19.10 -21.39 -24.73
C PRO B 176 20.19 -21.88 -25.67
N ASP B 177 21.03 -20.95 -26.10
CA ASP B 177 22.12 -21.26 -27.04
C ASP B 177 23.10 -20.08 -27.02
N ASN B 178 24.21 -20.24 -26.31
CA ASN B 178 25.29 -19.27 -26.31
C ASN B 178 26.43 -19.67 -27.24
N SER B 179 26.17 -20.60 -28.16
CA SER B 179 27.24 -21.17 -28.98
C SER B 179 27.87 -20.14 -29.90
N ASP B 180 27.06 -19.27 -30.51
CA ASP B 180 27.55 -18.35 -31.54
C ASP B 180 27.17 -16.91 -31.20
N VAL B 181 27.72 -16.40 -30.09
CA VAL B 181 27.60 -14.98 -29.80
C VAL B 181 28.55 -14.18 -30.69
N ASP B 182 29.77 -14.67 -30.87
CA ASP B 182 30.74 -13.99 -31.72
C ASP B 182 30.25 -13.92 -33.16
N LYS B 183 29.69 -15.02 -33.68
CA LYS B 183 29.24 -15.02 -35.07
C LYS B 183 28.05 -14.09 -35.26
N LEU B 184 27.13 -14.05 -34.30
CA LEU B 184 25.99 -13.14 -34.40
C LEU B 184 26.43 -11.68 -34.30
N PHE B 185 27.43 -11.40 -33.44
CA PHE B 185 28.01 -10.06 -33.38
C PHE B 185 28.64 -9.68 -34.71
N ILE B 186 29.39 -10.61 -35.31
CA ILE B 186 30.02 -10.36 -36.61
C ILE B 186 28.95 -10.11 -37.66
N GLN B 187 27.83 -10.82 -37.59
CA GLN B 187 26.76 -10.62 -38.56
C GLN B 187 26.08 -9.27 -38.39
N LEU B 188 25.90 -8.84 -37.13
CA LEU B 188 25.38 -7.50 -36.89
C LEU B 188 26.32 -6.43 -37.44
N VAL B 189 27.63 -6.63 -37.26
CA VAL B 189 28.61 -5.72 -37.84
C VAL B 189 28.52 -5.74 -39.36
N GLN B 190 28.25 -6.91 -39.94
CA GLN B 190 28.09 -7.02 -41.38
C GLN B 190 26.89 -6.21 -41.87
N THR B 191 25.76 -6.34 -41.17
CA THR B 191 24.57 -5.56 -41.53
C THR B 191 24.86 -4.06 -41.43
N TYR B 192 25.54 -3.64 -40.35
CA TYR B 192 25.85 -2.23 -40.19
C TYR B 192 26.75 -1.73 -41.31
N ASN B 193 27.81 -2.46 -41.63
CA ASN B 193 28.73 -2.05 -42.68
C ASN B 193 28.13 -2.14 -44.06
N GLN B 194 27.09 -2.96 -44.25
CA GLN B 194 26.39 -3.00 -45.52
C GLN B 194 25.44 -1.82 -45.67
N LEU B 195 24.80 -1.41 -44.57
CA LEU B 195 23.95 -0.22 -44.61
C LEU B 195 24.77 1.07 -44.68
N PHE B 196 26.07 1.01 -44.35
CA PHE B 196 26.94 2.18 -44.35
C PHE B 196 28.29 1.75 -44.93
N GLU B 197 28.33 1.57 -46.25
CA GLU B 197 29.54 1.07 -46.90
C GLU B 197 30.69 2.07 -46.78
N GLU B 198 30.40 3.37 -46.79
CA GLU B 198 31.46 4.36 -46.69
C GLU B 198 32.09 4.37 -45.31
N ASN B 199 31.28 4.16 -44.26
CA ASN B 199 31.75 4.15 -42.88
C ASN B 199 31.51 2.78 -42.27
N PRO B 200 32.48 1.87 -42.35
CA PRO B 200 32.32 0.54 -41.75
C PRO B 200 32.78 0.51 -40.30
N ILE B 201 32.83 -0.68 -39.72
CA ILE B 201 33.33 -0.89 -38.36
C ILE B 201 34.31 -2.04 -38.39
N ASN B 202 35.55 -1.80 -37.95
CA ASN B 202 36.58 -2.83 -37.91
C ASN B 202 36.40 -3.63 -36.62
N ALA B 203 35.76 -4.79 -36.73
CA ALA B 203 35.48 -5.64 -35.57
C ALA B 203 36.47 -6.78 -35.42
N SER B 204 37.53 -6.81 -36.22
CA SER B 204 38.54 -7.84 -36.08
C SER B 204 39.30 -7.68 -34.78
N GLY B 205 39.62 -8.80 -34.13
CA GLY B 205 40.28 -8.77 -32.85
C GLY B 205 39.41 -8.34 -31.69
N VAL B 206 38.12 -8.11 -31.91
CA VAL B 206 37.20 -7.73 -30.85
C VAL B 206 36.57 -9.00 -30.30
N ASP B 207 36.93 -9.35 -29.05
CA ASP B 207 36.37 -10.51 -28.37
C ASP B 207 35.01 -10.12 -27.80
N ALA B 208 33.99 -10.17 -28.66
CA ALA B 208 32.65 -9.79 -28.24
C ALA B 208 32.05 -10.80 -27.27
N LYS B 209 32.44 -12.07 -27.39
CA LYS B 209 31.86 -13.11 -26.54
C LYS B 209 32.20 -12.86 -25.06
N ALA B 210 33.48 -12.64 -24.77
CA ALA B 210 33.89 -12.40 -23.38
C ALA B 210 33.43 -11.03 -22.90
N ILE B 211 33.26 -10.07 -23.79
CA ILE B 211 32.95 -8.70 -23.39
C ILE B 211 31.45 -8.48 -23.17
N LEU B 212 30.59 -9.23 -23.88
CA LEU B 212 29.15 -9.14 -23.69
C LEU B 212 28.62 -10.15 -22.68
N SER B 213 29.43 -11.14 -22.31
CA SER B 213 29.10 -12.06 -21.23
C SER B 213 30.14 -11.93 -20.13
N ALA B 214 30.48 -10.69 -19.76
CA ALA B 214 31.54 -10.42 -18.81
C ALA B 214 31.05 -10.41 -17.36
N ARG B 215 29.82 -10.85 -17.11
CA ARG B 215 29.22 -10.83 -15.77
C ARG B 215 29.33 -9.44 -15.14
N LEU B 216 29.01 -8.42 -15.93
CA LEU B 216 28.99 -7.04 -15.47
C LEU B 216 27.72 -6.38 -15.98
N SER B 217 27.50 -5.14 -15.55
CA SER B 217 26.29 -4.43 -15.91
C SER B 217 26.20 -4.26 -17.42
N LYS B 218 24.97 -4.12 -17.92
CA LYS B 218 24.76 -3.90 -19.34
C LYS B 218 25.50 -2.64 -19.80
N SER B 219 25.46 -1.58 -18.99
CA SER B 219 26.19 -0.36 -19.33
C SER B 219 27.70 -0.60 -19.34
N ARG B 220 28.20 -1.39 -18.39
CA ARG B 220 29.63 -1.68 -18.33
C ARG B 220 30.08 -2.44 -19.58
N ARG B 221 29.34 -3.48 -19.95
CA ARG B 221 29.69 -4.26 -21.13
C ARG B 221 29.56 -3.41 -22.40
N LEU B 222 28.57 -2.51 -22.46
CA LEU B 222 28.47 -1.61 -23.60
C LEU B 222 29.69 -0.72 -23.70
N GLU B 223 30.08 -0.09 -22.58
CA GLU B 223 31.28 0.74 -22.56
C GLU B 223 32.51 -0.04 -22.99
N ASN B 224 32.63 -1.28 -22.53
CA ASN B 224 33.80 -2.09 -22.86
C ASN B 224 33.84 -2.45 -24.33
N LEU B 225 32.69 -2.85 -24.90
CA LEU B 225 32.65 -3.19 -26.31
C LEU B 225 32.86 -1.97 -27.19
N ILE B 226 32.45 -0.79 -26.73
CA ILE B 226 32.69 0.43 -27.50
C ILE B 226 34.15 0.85 -27.41
N ALA B 227 34.79 0.63 -26.26
CA ALA B 227 36.21 0.95 -26.13
C ALA B 227 37.06 0.16 -27.11
N GLN B 228 36.62 -1.03 -27.49
CA GLN B 228 37.30 -1.82 -28.51
C GLN B 228 37.02 -1.33 -29.92
N LEU B 229 36.23 -0.28 -30.08
CA LEU B 229 35.86 0.25 -31.40
C LEU B 229 36.25 1.71 -31.50
N PRO B 230 37.38 2.04 -32.12
CA PRO B 230 37.74 3.45 -32.31
C PRO B 230 36.85 4.11 -33.34
N GLY B 231 36.63 5.40 -33.15
CA GLY B 231 35.71 6.15 -34.00
C GLY B 231 34.25 5.90 -33.75
N GLU B 232 33.90 4.92 -32.92
CA GLU B 232 32.53 4.62 -32.56
C GLU B 232 32.30 4.97 -31.10
N LYS B 233 31.19 5.65 -30.83
CA LYS B 233 30.81 6.04 -29.48
C LYS B 233 29.60 5.22 -29.04
N LYS B 234 29.37 5.21 -27.71
CA LYS B 234 28.26 4.44 -27.17
C LYS B 234 26.91 5.04 -27.53
N ASN B 235 26.86 6.33 -27.84
CA ASN B 235 25.62 6.98 -28.25
C ASN B 235 25.41 6.96 -29.77
N GLY B 236 26.38 6.47 -30.53
CA GLY B 236 26.23 6.31 -31.96
C GLY B 236 25.23 5.21 -32.29
N LEU B 237 24.98 5.05 -33.59
CA LEU B 237 23.99 4.08 -34.05
C LEU B 237 24.36 2.67 -33.61
N PHE B 238 25.60 2.25 -33.86
CA PHE B 238 26.02 0.92 -33.45
C PHE B 238 26.07 0.79 -31.93
N GLY B 239 26.45 1.85 -31.24
CA GLY B 239 26.41 1.81 -29.78
C GLY B 239 25.01 1.61 -29.24
N ASN B 240 24.03 2.32 -29.80
CA ASN B 240 22.65 2.14 -29.38
C ASN B 240 22.12 0.76 -29.77
N LEU B 241 22.54 0.22 -30.92
CA LEU B 241 22.13 -1.13 -31.28
C LEU B 241 22.68 -2.16 -30.30
N ILE B 242 23.95 -2.00 -29.90
CA ILE B 242 24.53 -2.90 -28.90
C ILE B 242 23.80 -2.77 -27.57
N ALA B 243 23.50 -1.53 -27.17
CA ALA B 243 22.74 -1.31 -25.95
C ALA B 243 21.37 -1.97 -26.02
N LEU B 244 20.74 -1.97 -27.19
CA LEU B 244 19.47 -2.67 -27.36
C LEU B 244 19.65 -4.17 -27.20
N SER B 245 20.71 -4.74 -27.79
CA SER B 245 20.96 -6.16 -27.65
C SER B 245 21.27 -6.56 -26.22
N LEU B 246 21.76 -5.64 -25.39
CA LEU B 246 22.10 -5.93 -24.01
C LEU B 246 20.92 -5.76 -23.05
N GLY B 247 19.79 -5.25 -23.53
CA GLY B 247 18.63 -5.07 -22.69
C GLY B 247 18.37 -3.66 -22.21
N LEU B 248 19.20 -2.70 -22.63
CA LEU B 248 18.97 -1.30 -22.28
C LEU B 248 17.84 -0.72 -23.13
N THR B 249 17.57 0.57 -22.92
CA THR B 249 16.57 1.30 -23.69
C THR B 249 17.26 2.47 -24.39
N PRO B 250 17.90 2.23 -25.53
CA PRO B 250 18.53 3.32 -26.26
C PRO B 250 17.52 4.12 -27.07
N ASN B 251 17.91 5.36 -27.37
CA ASN B 251 17.08 6.29 -28.12
C ASN B 251 17.74 6.52 -29.48
N PHE B 252 17.12 5.99 -30.54
CA PHE B 252 17.64 6.12 -31.89
C PHE B 252 17.18 7.39 -32.59
N LYS B 253 16.79 8.42 -31.83
CA LYS B 253 16.31 9.66 -32.43
C LYS B 253 17.45 10.41 -33.12
N SER B 254 18.51 10.71 -32.37
CA SER B 254 19.60 11.51 -32.92
C SER B 254 20.44 10.74 -33.93
N ASN B 255 20.42 9.41 -33.89
CA ASN B 255 21.18 8.64 -34.86
C ASN B 255 20.64 8.84 -36.27
N PHE B 256 19.32 8.94 -36.40
CA PHE B 256 18.68 9.10 -37.71
C PHE B 256 18.15 10.50 -37.93
N ASP B 257 18.55 11.47 -37.10
CA ASP B 257 18.09 12.86 -37.21
C ASP B 257 16.57 12.93 -37.16
N LEU B 258 15.97 12.14 -36.27
CA LEU B 258 14.52 12.04 -36.19
C LEU B 258 13.92 13.34 -35.64
N ALA B 259 12.61 13.46 -35.81
CA ALA B 259 11.88 14.60 -35.26
C ALA B 259 11.63 14.43 -33.77
N GLU B 260 11.20 13.24 -33.34
CA GLU B 260 10.89 12.96 -31.94
C GLU B 260 11.55 11.65 -31.53
N ASP B 261 11.30 11.24 -30.28
CA ASP B 261 11.99 10.11 -29.69
C ASP B 261 11.59 8.80 -30.34
N ALA B 262 12.47 7.79 -30.20
CA ALA B 262 12.28 6.45 -30.71
C ALA B 262 13.06 5.50 -29.79
N LYS B 263 12.59 5.38 -28.55
CA LYS B 263 13.25 4.53 -27.56
C LYS B 263 12.75 3.10 -27.71
N LEU B 264 13.70 2.16 -27.85
CA LEU B 264 13.38 0.77 -28.11
C LEU B 264 13.89 -0.11 -26.97
N GLN B 265 13.05 -1.06 -26.55
CA GLN B 265 13.42 -2.06 -25.56
C GLN B 265 12.86 -3.40 -25.98
N LEU B 266 13.72 -4.42 -26.05
CA LEU B 266 13.30 -5.74 -26.49
C LEU B 266 12.40 -6.45 -25.49
N SER B 267 12.30 -5.96 -24.25
CA SER B 267 11.47 -6.61 -23.25
C SER B 267 10.02 -6.14 -23.26
N LYS B 268 9.79 -4.88 -23.63
CA LYS B 268 8.42 -4.37 -23.68
C LYS B 268 7.59 -5.14 -24.70
N ASP B 269 6.28 -5.17 -24.47
CA ASP B 269 5.37 -5.78 -25.44
C ASP B 269 5.25 -4.97 -26.72
N THR B 270 5.73 -3.74 -26.74
CA THR B 270 5.55 -2.82 -27.86
C THR B 270 6.79 -2.73 -28.75
N TYR B 271 7.70 -3.69 -28.67
CA TYR B 271 8.92 -3.60 -29.48
C TYR B 271 8.60 -3.68 -30.97
N ASP B 272 7.69 -4.58 -31.35
CA ASP B 272 7.31 -4.68 -32.76
C ASP B 272 6.72 -3.38 -33.26
N ASP B 273 5.84 -2.75 -32.47
CA ASP B 273 5.19 -1.52 -32.89
C ASP B 273 6.20 -0.37 -32.98
N ASP B 274 7.04 -0.22 -31.96
CA ASP B 274 8.05 0.83 -31.98
C ASP B 274 9.02 0.66 -33.15
N LEU B 275 9.44 -0.59 -33.39
CA LEU B 275 10.34 -0.86 -34.51
C LEU B 275 9.68 -0.54 -35.85
N ASP B 276 8.42 -0.93 -36.02
CA ASP B 276 7.72 -0.65 -37.28
C ASP B 276 7.54 0.84 -37.47
N ASN B 277 7.28 1.60 -36.39
CA ASN B 277 7.13 3.04 -36.52
C ASN B 277 8.47 3.70 -36.87
N LEU B 278 9.55 3.27 -36.23
CA LEU B 278 10.87 3.83 -36.54
C LEU B 278 11.26 3.51 -37.98
N LEU B 279 10.93 2.31 -38.46
CA LEU B 279 11.26 1.94 -39.83
C LEU B 279 10.35 2.65 -40.83
N ALA B 280 9.12 2.96 -40.44
CA ALA B 280 8.27 3.79 -41.29
C ALA B 280 8.78 5.23 -41.33
N GLN B 281 9.50 5.65 -40.29
CA GLN B 281 10.12 6.98 -40.32
C GLN B 281 11.42 6.99 -41.13
N ILE B 282 12.18 5.91 -41.12
CA ILE B 282 13.52 5.89 -41.69
C ILE B 282 13.63 4.99 -42.91
N GLY B 283 12.99 3.82 -42.89
CA GLY B 283 13.08 2.92 -44.01
C GLY B 283 13.21 1.46 -43.61
N ASP B 284 12.54 0.58 -44.36
CA ASP B 284 12.54 -0.83 -44.02
C ASP B 284 13.89 -1.49 -44.25
N GLN B 285 14.77 -0.87 -45.04
CA GLN B 285 16.08 -1.47 -45.30
C GLN B 285 16.96 -1.49 -44.05
N TYR B 286 16.61 -0.74 -43.02
CA TYR B 286 17.30 -0.82 -41.73
C TYR B 286 16.78 -1.93 -40.84
N ALA B 287 15.70 -2.60 -41.25
CA ALA B 287 15.10 -3.65 -40.42
C ALA B 287 16.11 -4.77 -40.14
N ASP B 288 16.77 -5.27 -41.18
CA ASP B 288 17.80 -6.29 -41.02
C ASP B 288 18.87 -5.87 -40.02
N LEU B 289 19.03 -4.57 -39.80
CA LEU B 289 19.87 -4.08 -38.72
C LEU B 289 19.29 -4.58 -37.39
N PHE B 290 18.12 -4.05 -37.01
CA PHE B 290 17.51 -4.43 -35.74
C PHE B 290 17.23 -5.91 -35.69
N LEU B 291 16.82 -6.50 -36.82
CA LEU B 291 16.66 -7.95 -36.89
C LEU B 291 17.92 -8.66 -36.40
N ALA B 292 19.07 -8.28 -36.96
CA ALA B 292 20.33 -8.85 -36.48
C ALA B 292 20.51 -8.57 -34.99
N ALA B 293 20.20 -7.36 -34.55
CA ALA B 293 20.31 -7.02 -33.15
C ALA B 293 19.46 -7.94 -32.27
N LYS B 294 18.37 -8.47 -32.83
CA LYS B 294 17.57 -9.41 -32.05
C LYS B 294 18.24 -10.78 -32.00
N ASN B 295 18.79 -11.24 -33.12
CA ASN B 295 19.42 -12.55 -33.17
C ASN B 295 20.50 -12.69 -32.09
N LEU B 296 21.51 -11.82 -32.17
CA LEU B 296 22.53 -11.76 -31.13
C LEU B 296 21.90 -11.69 -29.74
N SER B 297 20.84 -10.90 -29.60
CA SER B 297 20.19 -10.73 -28.30
C SER B 297 19.78 -12.07 -27.71
N ASP B 298 19.25 -12.97 -28.55
CA ASP B 298 18.87 -14.29 -28.06
C ASP B 298 20.05 -15.01 -27.43
N ALA B 299 21.20 -15.02 -28.13
CA ALA B 299 22.38 -15.69 -27.59
C ALA B 299 22.88 -15.03 -26.32
N ILE B 300 22.46 -13.79 -26.06
CA ILE B 300 22.81 -13.08 -24.83
C ILE B 300 21.64 -13.02 -23.86
N LEU B 301 20.43 -13.42 -24.28
CA LEU B 301 19.23 -13.25 -23.47
C LEU B 301 19.33 -13.90 -22.09
N LEU B 302 20.28 -14.81 -21.89
CA LEU B 302 20.40 -15.55 -20.63
C LEU B 302 21.84 -15.67 -20.15
N SER B 303 22.74 -14.79 -20.61
CA SER B 303 24.15 -14.94 -20.29
C SER B 303 24.44 -14.70 -18.81
N ASP B 304 23.61 -13.90 -18.13
CA ASP B 304 23.88 -13.61 -16.73
C ASP B 304 23.54 -14.79 -15.83
N ILE B 305 22.59 -15.63 -16.24
CA ILE B 305 22.20 -16.80 -15.48
C ILE B 305 23.01 -18.03 -15.90
N LEU B 306 23.13 -18.25 -17.20
CA LEU B 306 23.87 -19.40 -17.73
C LEU B 306 25.30 -18.96 -17.99
N ARG B 307 26.15 -19.15 -16.97
CA ARG B 307 27.56 -18.80 -17.07
C ARG B 307 28.42 -19.95 -17.55
N VAL B 308 27.89 -20.80 -18.43
CA VAL B 308 28.61 -21.94 -18.96
C VAL B 308 28.20 -22.15 -20.41
N ASN B 309 29.05 -22.87 -21.15
CA ASN B 309 28.78 -23.15 -22.55
C ASN B 309 27.59 -24.08 -22.69
N THR B 310 26.69 -23.74 -23.63
CA THR B 310 25.50 -24.55 -23.86
C THR B 310 25.79 -25.79 -24.70
N GLU B 311 27.00 -25.91 -25.26
CA GLU B 311 27.28 -27.02 -26.16
C GLU B 311 27.70 -28.26 -25.38
N ILE B 312 28.44 -28.10 -24.28
CA ILE B 312 28.95 -29.25 -23.53
C ILE B 312 27.91 -29.89 -22.63
N THR B 313 26.74 -29.27 -22.47
CA THR B 313 25.72 -29.83 -21.58
C THR B 313 24.37 -29.24 -21.95
N LYS B 314 23.32 -30.05 -21.76
CA LYS B 314 21.94 -29.61 -21.90
C LYS B 314 21.37 -29.09 -20.59
N ALA B 315 22.19 -28.91 -19.57
CA ALA B 315 21.76 -28.37 -18.28
C ALA B 315 22.64 -27.18 -17.94
N PRO B 316 22.49 -26.06 -18.66
CA PRO B 316 23.36 -24.90 -18.41
C PRO B 316 23.24 -24.35 -17.00
N LEU B 317 22.05 -24.39 -16.39
CA LEU B 317 21.87 -23.79 -15.08
C LEU B 317 22.51 -24.65 -13.99
N SER B 318 22.24 -25.95 -14.01
CA SER B 318 22.89 -26.85 -13.07
C SER B 318 24.41 -26.81 -13.24
N ALA B 319 24.87 -26.70 -14.49
CA ALA B 319 26.30 -26.56 -14.73
C ALA B 319 26.84 -25.26 -14.15
N SER B 320 26.06 -24.19 -14.22
CA SER B 320 26.54 -22.93 -13.63
C SER B 320 26.57 -23.00 -12.12
N MET B 321 25.62 -23.73 -11.53
CA MET B 321 25.66 -23.97 -10.08
C MET B 321 26.85 -24.82 -9.70
N ILE B 322 27.17 -25.84 -10.50
CA ILE B 322 28.34 -26.68 -10.24
C ILE B 322 29.62 -25.86 -10.39
N LYS B 323 29.62 -24.89 -11.31
CA LYS B 323 30.75 -23.98 -11.44
C LYS B 323 30.89 -23.12 -10.19
N ARG B 324 29.76 -22.58 -9.71
CA ARG B 324 29.77 -21.89 -8.42
C ARG B 324 30.40 -22.75 -7.34
N TYR B 325 29.99 -24.02 -7.27
CA TYR B 325 30.45 -24.92 -6.22
C TYR B 325 31.94 -25.22 -6.34
N ASP B 326 32.41 -25.49 -7.55
CA ASP B 326 33.83 -25.79 -7.77
C ASP B 326 34.70 -24.58 -7.47
N GLU B 327 34.29 -23.39 -7.92
CA GLU B 327 35.05 -22.19 -7.59
C GLU B 327 35.02 -21.92 -6.10
N HIS B 328 33.88 -22.19 -5.45
CA HIS B 328 33.81 -22.06 -3.99
C HIS B 328 34.83 -22.98 -3.31
N HIS B 329 34.88 -24.24 -3.74
CA HIS B 329 35.81 -25.19 -3.14
C HIS B 329 37.26 -24.77 -3.36
N GLN B 330 37.61 -24.42 -4.60
CA GLN B 330 38.99 -24.05 -4.92
C GLN B 330 39.40 -22.78 -4.18
N ASP B 331 38.56 -21.74 -4.22
CA ASP B 331 38.87 -20.51 -3.54
C ASP B 331 38.89 -20.70 -2.02
N LEU B 332 38.09 -21.63 -1.49
CA LEU B 332 38.12 -21.87 -0.05
C LEU B 332 39.41 -22.54 0.37
N THR B 333 39.86 -23.53 -0.39
CA THR B 333 41.16 -24.13 -0.11
C THR B 333 42.27 -23.09 -0.20
N LEU B 334 42.23 -22.25 -1.24
CA LEU B 334 43.25 -21.21 -1.40
C LEU B 334 43.22 -20.22 -0.25
N LEU B 335 42.02 -19.80 0.17
CA LEU B 335 41.91 -18.83 1.26
C LEU B 335 42.35 -19.43 2.59
N LYS B 336 42.03 -20.71 2.82
CA LYS B 336 42.52 -21.37 4.02
C LYS B 336 44.05 -21.39 4.05
N ALA B 337 44.67 -21.78 2.94
CA ALA B 337 46.13 -21.81 2.89
C ALA B 337 46.71 -20.41 3.09
N LEU B 338 46.14 -19.40 2.42
CA LEU B 338 46.66 -18.05 2.52
C LEU B 338 46.52 -17.50 3.93
N VAL B 339 45.40 -17.79 4.60
CA VAL B 339 45.22 -17.32 5.97
C VAL B 339 46.21 -18.03 6.91
N ARG B 340 46.32 -19.35 6.79
CA ARG B 340 47.29 -20.08 7.59
C ARG B 340 48.70 -19.51 7.44
N GLN B 341 49.09 -19.17 6.20
CA GLN B 341 50.45 -18.70 5.97
C GLN B 341 50.63 -17.27 6.49
N GLN B 342 49.78 -16.34 6.03
CA GLN B 342 49.90 -14.94 6.40
C GLN B 342 49.70 -14.72 7.90
N LEU B 343 48.46 -14.81 8.36
CA LEU B 343 48.16 -14.61 9.78
C LEU B 343 47.67 -15.90 10.40
N PRO B 344 48.48 -16.59 11.20
CA PRO B 344 47.97 -17.77 11.92
C PRO B 344 46.81 -17.42 12.83
N GLU B 345 46.85 -16.25 13.44
CA GLU B 345 45.69 -15.73 14.14
C GLU B 345 44.58 -15.41 13.16
N LYS B 346 43.35 -15.32 13.67
CA LYS B 346 42.11 -15.02 12.96
C LYS B 346 41.59 -16.23 12.18
N TYR B 347 42.33 -17.33 12.06
CA TYR B 347 41.76 -18.52 11.45
C TYR B 347 40.55 -19.01 12.26
N LYS B 348 40.65 -18.92 13.58
CA LYS B 348 39.51 -19.26 14.43
C LYS B 348 38.35 -18.30 14.21
N GLU B 349 38.62 -17.00 14.14
CA GLU B 349 37.55 -16.02 13.96
C GLU B 349 36.86 -16.18 12.60
N ILE B 350 37.60 -16.54 11.57
CA ILE B 350 37.07 -16.63 10.21
C ILE B 350 36.39 -17.97 9.96
N PHE B 351 36.95 -19.07 10.44
CA PHE B 351 36.45 -20.40 10.11
C PHE B 351 35.82 -21.14 11.28
N PHE B 352 35.70 -20.51 12.45
CA PHE B 352 35.12 -21.18 13.61
C PHE B 352 34.11 -20.34 14.40
N ASP B 353 34.15 -19.02 14.32
CA ASP B 353 33.30 -18.17 15.14
C ASP B 353 32.04 -17.82 14.35
N GLN B 354 30.93 -18.49 14.68
CA GLN B 354 29.66 -18.24 14.02
C GLN B 354 29.11 -16.84 14.35
N SER B 355 29.52 -16.25 15.47
CA SER B 355 29.07 -14.92 15.82
C SER B 355 29.69 -13.84 14.94
N LYS B 356 30.86 -14.12 14.35
CA LYS B 356 31.52 -13.17 13.47
C LYS B 356 31.05 -13.35 12.04
N ASN B 357 31.24 -12.30 11.23
CA ASN B 357 30.80 -12.35 9.85
C ASN B 357 31.87 -12.96 8.95
N GLY B 358 32.63 -13.91 9.49
CA GLY B 358 33.59 -14.66 8.72
C GLY B 358 32.92 -15.82 7.98
N TYR B 359 33.76 -16.73 7.51
CA TYR B 359 33.23 -17.89 6.80
C TYR B 359 32.34 -18.73 7.68
N ALA B 360 32.66 -18.81 8.98
CA ALA B 360 31.81 -19.56 9.91
C ALA B 360 30.42 -18.95 10.00
N GLY B 361 30.34 -17.62 10.15
CA GLY B 361 29.04 -16.97 10.18
C GLY B 361 28.37 -16.94 8.83
N TYR B 362 29.16 -17.00 7.75
CA TYR B 362 28.60 -17.06 6.41
C TYR B 362 27.92 -18.41 6.16
N ILE B 363 28.50 -19.48 6.71
CA ILE B 363 27.94 -20.82 6.50
C ILE B 363 26.99 -21.22 7.63
N ASP B 364 27.44 -21.09 8.88
CA ASP B 364 26.69 -21.57 10.03
C ASP B 364 25.94 -20.46 10.77
N GLY B 365 26.52 -19.28 10.88
CA GLY B 365 25.89 -18.18 11.57
C GLY B 365 24.86 -17.46 10.72
N GLY B 366 24.61 -16.21 11.06
CA GLY B 366 23.63 -15.41 10.35
C GLY B 366 24.23 -14.28 9.55
N ALA B 367 25.42 -14.51 9.00
CA ALA B 367 26.10 -13.50 8.19
C ALA B 367 25.71 -13.69 6.72
N SER B 368 25.18 -12.63 6.12
CA SER B 368 24.82 -12.68 4.71
C SER B 368 26.07 -12.57 3.84
N GLN B 369 25.87 -12.78 2.54
CA GLN B 369 26.98 -12.68 1.59
C GLN B 369 27.60 -11.28 1.62
N GLU B 370 26.76 -10.24 1.72
CA GLU B 370 27.27 -8.88 1.74
C GLU B 370 28.04 -8.58 3.03
N GLU B 371 27.50 -9.01 4.16
CA GLU B 371 28.20 -8.82 5.44
C GLU B 371 29.52 -9.57 5.45
N PHE B 372 29.53 -10.81 4.95
CA PHE B 372 30.76 -11.58 4.88
C PHE B 372 31.78 -10.91 3.97
N TYR B 373 31.32 -10.34 2.85
CA TYR B 373 32.22 -9.62 1.95
C TYR B 373 32.83 -8.41 2.64
N LYS B 374 32.00 -7.62 3.34
CA LYS B 374 32.53 -6.48 4.08
C LYS B 374 33.54 -6.92 5.13
N PHE B 375 33.29 -8.07 5.77
CA PHE B 375 34.21 -8.55 6.80
C PHE B 375 35.55 -8.96 6.20
N ILE B 376 35.54 -9.67 5.06
CA ILE B 376 36.79 -10.23 4.53
C ILE B 376 37.53 -9.31 3.58
N LYS B 377 36.90 -8.25 3.08
CA LYS B 377 37.61 -7.36 2.16
C LYS B 377 38.87 -6.75 2.76
N PRO B 378 38.86 -6.18 3.97
CA PRO B 378 40.13 -5.69 4.53
C PRO B 378 41.14 -6.78 4.82
N ILE B 379 40.68 -7.97 5.21
CA ILE B 379 41.61 -9.06 5.47
C ILE B 379 42.23 -9.55 4.16
N LEU B 380 41.46 -9.52 3.07
CA LEU B 380 42.01 -9.90 1.77
C LEU B 380 43.01 -8.86 1.27
N GLU B 381 42.67 -7.57 1.39
CA GLU B 381 43.59 -6.54 0.94
C GLU B 381 44.85 -6.48 1.80
N LYS B 382 44.75 -6.84 3.08
CA LYS B 382 45.93 -6.85 3.95
C LYS B 382 46.93 -7.91 3.51
N MET B 383 46.43 -9.10 3.16
CA MET B 383 47.30 -10.18 2.72
C MET B 383 47.62 -10.04 1.24
N ASP B 384 48.59 -10.81 0.79
CA ASP B 384 48.97 -10.89 -0.62
C ASP B 384 48.60 -12.26 -1.16
N GLY B 385 48.77 -12.43 -2.47
CA GLY B 385 48.34 -13.65 -3.13
C GLY B 385 46.85 -13.77 -3.32
N THR B 386 46.07 -12.84 -2.78
CA THR B 386 44.62 -12.86 -2.97
C THR B 386 44.26 -12.66 -4.43
N GLU B 387 44.61 -11.49 -5.00
CA GLU B 387 44.49 -11.24 -6.43
C GLU B 387 43.08 -11.46 -6.96
N GLU B 388 42.87 -12.55 -7.70
CA GLU B 388 41.59 -12.81 -8.36
C GLU B 388 40.45 -12.94 -7.36
N LEU B 389 40.74 -13.22 -6.09
CA LEU B 389 39.68 -13.28 -5.10
C LEU B 389 38.96 -11.95 -4.98
N LEU B 390 39.72 -10.85 -5.00
CA LEU B 390 39.10 -9.53 -4.90
C LEU B 390 38.28 -9.21 -6.13
N VAL B 391 38.73 -9.67 -7.30
CA VAL B 391 37.97 -9.48 -8.53
C VAL B 391 36.65 -10.24 -8.46
N LYS B 392 36.70 -11.49 -7.99
CA LYS B 392 35.48 -12.25 -7.81
C LYS B 392 34.57 -11.62 -6.76
N LEU B 393 35.15 -10.95 -5.76
CA LEU B 393 34.34 -10.32 -4.73
C LEU B 393 33.61 -9.09 -5.27
N ASN B 394 34.34 -8.21 -5.97
CA ASN B 394 33.70 -7.02 -6.52
C ASN B 394 32.76 -7.36 -7.67
N ARG B 395 32.98 -8.48 -8.35
CA ARG B 395 32.00 -9.01 -9.28
C ARG B 395 30.89 -9.77 -8.57
N GLU B 396 30.96 -9.90 -7.24
CA GLU B 396 29.96 -10.60 -6.44
C GLU B 396 29.85 -12.08 -6.85
N ASP B 397 31.00 -12.71 -7.05
CA ASP B 397 31.05 -14.10 -7.51
C ASP B 397 32.17 -14.85 -6.80
N LEU B 398 32.25 -14.66 -5.48
CA LEU B 398 33.28 -15.28 -4.66
C LEU B 398 32.64 -16.12 -3.56
N LEU B 399 33.09 -17.37 -3.43
CA LEU B 399 32.59 -18.29 -2.40
C LEU B 399 31.06 -18.35 -2.41
N ARG B 400 30.50 -18.38 -3.61
CA ARG B 400 29.06 -18.28 -3.76
C ARG B 400 28.38 -19.59 -3.37
N LYS B 401 27.26 -19.47 -2.66
CA LYS B 401 26.36 -20.59 -2.51
C LYS B 401 25.49 -20.73 -3.75
N GLN B 402 24.70 -21.79 -3.79
CA GLN B 402 23.82 -22.04 -4.91
C GLN B 402 22.39 -21.56 -4.67
N ARG B 403 21.98 -21.45 -3.41
CA ARG B 403 20.68 -20.91 -3.04
C ARG B 403 20.91 -19.48 -2.56
N THR B 404 20.73 -18.52 -3.47
CA THR B 404 21.04 -17.13 -3.21
C THR B 404 19.85 -16.25 -3.58
N PHE B 405 19.96 -14.98 -3.20
CA PHE B 405 18.87 -14.03 -3.40
C PHE B 405 18.68 -13.67 -4.86
N ASP B 406 19.74 -13.71 -5.66
CA ASP B 406 19.63 -13.29 -7.05
C ASP B 406 19.01 -14.36 -7.95
N ASN B 407 18.81 -15.59 -7.44
CA ASN B 407 18.16 -16.63 -8.22
C ASN B 407 16.77 -16.23 -8.71
N GLY B 408 16.21 -15.13 -8.21
CA GLY B 408 14.99 -14.58 -8.80
C GLY B 408 15.09 -14.30 -10.28
N SER B 409 16.30 -14.18 -10.83
CA SER B 409 16.43 -13.95 -12.27
C SER B 409 16.01 -15.18 -13.07
N ILE B 410 16.11 -16.37 -12.49
CA ILE B 410 15.93 -17.62 -13.23
C ILE B 410 14.51 -17.77 -13.75
N PRO B 411 14.30 -17.82 -15.06
CA PRO B 411 12.96 -18.09 -15.60
C PRO B 411 12.61 -19.56 -15.47
N HIS B 412 11.30 -19.83 -15.52
CA HIS B 412 10.85 -21.21 -15.37
C HIS B 412 11.17 -22.06 -16.59
N GLN B 413 11.45 -21.43 -17.74
CA GLN B 413 11.76 -22.21 -18.93
C GLN B 413 13.06 -22.99 -18.77
N ILE B 414 14.01 -22.47 -17.98
CA ILE B 414 15.28 -23.18 -17.79
C ILE B 414 15.07 -24.45 -16.97
N HIS B 415 14.39 -24.33 -15.84
CA HIS B 415 14.03 -25.51 -15.06
C HIS B 415 13.22 -26.47 -15.90
N LEU B 416 12.31 -25.95 -16.73
CA LEU B 416 11.51 -26.82 -17.59
C LEU B 416 12.38 -27.56 -18.59
N GLY B 417 13.40 -26.90 -19.12
CA GLY B 417 14.31 -27.58 -20.04
C GLY B 417 15.06 -28.71 -19.37
N GLU B 418 15.57 -28.47 -18.16
CA GLU B 418 16.29 -29.54 -17.46
C GLU B 418 15.34 -30.68 -17.09
N LEU B 419 14.11 -30.36 -16.66
CA LEU B 419 13.15 -31.40 -16.32
C LEU B 419 12.74 -32.21 -17.54
N HIS B 420 12.52 -31.54 -18.68
CA HIS B 420 12.19 -32.24 -19.91
C HIS B 420 13.34 -33.13 -20.36
N ALA B 421 14.58 -32.65 -20.22
CA ALA B 421 15.73 -33.49 -20.56
C ALA B 421 15.81 -34.72 -19.69
N ILE B 422 15.61 -34.56 -18.37
CA ILE B 422 15.66 -35.71 -17.47
C ILE B 422 14.56 -36.72 -17.82
N LEU B 423 13.35 -36.22 -18.10
CA LEU B 423 12.26 -37.11 -18.47
C LEU B 423 12.56 -37.84 -19.77
N ARG B 424 13.14 -37.13 -20.75
CA ARG B 424 13.49 -37.77 -22.01
C ARG B 424 14.54 -38.86 -21.79
N ARG B 425 15.53 -38.60 -20.93
CA ARG B 425 16.55 -39.60 -20.66
C ARG B 425 15.98 -40.83 -19.97
N GLN B 426 15.21 -40.63 -18.90
CA GLN B 426 14.80 -41.73 -18.04
C GLN B 426 13.51 -42.40 -18.47
N GLU B 427 12.78 -41.85 -19.44
CA GLU B 427 11.58 -42.53 -19.92
C GLU B 427 11.93 -43.77 -20.74
N ASP B 428 13.17 -43.88 -21.23
CA ASP B 428 13.60 -45.07 -21.95
C ASP B 428 13.61 -46.31 -21.06
N PHE B 429 13.70 -46.13 -19.75
CA PHE B 429 13.76 -47.25 -18.81
C PHE B 429 12.53 -47.37 -17.93
N TYR B 430 11.81 -46.29 -17.68
CA TYR B 430 10.60 -46.32 -16.84
C TYR B 430 9.39 -45.92 -17.68
N PRO B 431 8.48 -46.86 -17.96
CA PRO B 431 7.36 -46.54 -18.86
C PRO B 431 6.40 -45.50 -18.31
N PHE B 432 6.15 -45.49 -16.99
CA PHE B 432 5.22 -44.50 -16.45
C PHE B 432 5.74 -43.09 -16.63
N LEU B 433 7.05 -42.89 -16.59
CA LEU B 433 7.62 -41.57 -16.87
C LEU B 433 7.33 -41.15 -18.31
N LYS B 434 7.37 -42.10 -19.25
CA LYS B 434 7.03 -41.78 -20.63
C LYS B 434 5.56 -41.45 -20.77
N ASP B 435 4.69 -42.18 -20.06
CA ASP B 435 3.26 -41.94 -20.16
C ASP B 435 2.82 -40.65 -19.46
N ASN B 436 3.57 -40.19 -18.46
CA ASN B 436 3.20 -39.01 -17.70
C ASN B 436 4.18 -37.85 -17.88
N ARG B 437 4.97 -37.87 -18.96
CA ARG B 437 5.95 -36.81 -19.19
C ARG B 437 5.27 -35.44 -19.27
N GLU B 438 4.19 -35.36 -20.05
CA GLU B 438 3.53 -34.08 -20.24
C GLU B 438 2.78 -33.66 -18.97
N LYS B 439 2.22 -34.62 -18.24
CA LYS B 439 1.61 -34.29 -16.95
C LYS B 439 2.62 -33.63 -16.01
N ILE B 440 3.84 -34.16 -15.95
CA ILE B 440 4.85 -33.62 -15.05
C ILE B 440 5.32 -32.24 -15.52
N GLU B 441 5.55 -32.09 -16.82
CA GLU B 441 5.86 -30.77 -17.35
C GLU B 441 4.74 -29.78 -17.04
N LYS B 442 3.49 -30.25 -17.06
CA LYS B 442 2.36 -29.37 -16.75
C LYS B 442 2.33 -28.98 -15.29
N ILE B 443 2.66 -29.93 -14.40
CA ILE B 443 2.82 -29.60 -12.98
C ILE B 443 3.83 -28.47 -12.83
N LEU B 444 4.89 -28.47 -13.63
CA LEU B 444 5.84 -27.37 -13.51
C LEU B 444 5.26 -26.08 -14.10
N THR B 445 4.68 -26.15 -15.31
CA THR B 445 4.39 -24.93 -16.06
C THR B 445 3.10 -24.24 -15.63
N PHE B 446 2.13 -24.99 -15.12
CA PHE B 446 0.79 -24.45 -14.95
C PHE B 446 0.73 -23.37 -13.87
N ARG B 447 0.17 -22.22 -14.24
CA ARG B 447 -0.19 -21.16 -13.32
C ARG B 447 -1.71 -20.99 -13.33
N ILE B 448 -2.24 -20.51 -12.23
CA ILE B 448 -3.60 -19.97 -12.24
C ILE B 448 -3.55 -18.56 -12.84
N PRO B 449 -4.34 -18.28 -13.87
CA PRO B 449 -4.34 -16.92 -14.44
C PRO B 449 -4.79 -15.90 -13.41
N TYR B 450 -4.19 -14.70 -13.48
CA TYR B 450 -4.54 -13.64 -12.52
C TYR B 450 -6.01 -13.31 -12.59
N TYR B 451 -6.63 -13.41 -13.76
CA TYR B 451 -8.03 -13.07 -13.97
C TYR B 451 -8.97 -14.21 -13.57
N VAL B 452 -8.46 -15.29 -12.99
CA VAL B 452 -9.30 -16.38 -12.51
C VAL B 452 -9.48 -16.32 -11.00
N GLY B 453 -8.42 -16.06 -10.26
CA GLY B 453 -8.50 -15.93 -8.83
C GLY B 453 -8.57 -17.28 -8.14
N PRO B 454 -8.93 -17.27 -6.85
CA PRO B 454 -9.01 -18.53 -6.10
C PRO B 454 -9.97 -19.52 -6.74
N LEU B 455 -9.59 -20.79 -6.70
CA LEU B 455 -10.41 -21.87 -7.27
C LEU B 455 -11.42 -22.36 -6.23
N ALA B 456 -12.25 -21.43 -5.77
CA ALA B 456 -13.11 -21.68 -4.63
C ALA B 456 -14.40 -22.37 -5.06
N ARG B 457 -15.24 -22.66 -4.06
CA ARG B 457 -16.52 -23.32 -4.30
C ARG B 457 -17.54 -22.78 -3.29
N GLY B 458 -17.80 -21.48 -3.36
CA GLY B 458 -18.87 -20.87 -2.57
C GLY B 458 -18.53 -20.57 -1.13
N ASN B 459 -17.24 -20.51 -0.78
CA ASN B 459 -16.87 -20.18 0.59
C ASN B 459 -15.68 -19.23 0.67
N SER B 460 -15.44 -18.45 -0.39
CA SER B 460 -14.37 -17.46 -0.40
C SER B 460 -14.96 -16.12 -0.81
N ARG B 461 -14.86 -15.13 0.08
CA ARG B 461 -15.33 -13.79 -0.26
C ARG B 461 -14.46 -13.11 -1.30
N PHE B 462 -13.32 -13.72 -1.66
CA PHE B 462 -12.40 -13.15 -2.64
C PHE B 462 -12.58 -13.72 -4.03
N ALA B 463 -13.35 -14.79 -4.18
CA ALA B 463 -13.41 -15.53 -5.43
C ALA B 463 -14.49 -14.99 -6.36
N TRP B 464 -14.24 -15.12 -7.65
CA TRP B 464 -15.21 -14.80 -8.69
C TRP B 464 -15.27 -15.86 -9.78
N MET B 465 -14.44 -16.89 -9.70
CA MET B 465 -14.29 -17.85 -10.78
C MET B 465 -15.59 -18.63 -10.99
N THR B 466 -15.87 -18.95 -12.25
CA THR B 466 -17.01 -19.78 -12.62
C THR B 466 -16.53 -21.06 -13.28
N ARG B 467 -17.13 -22.19 -12.91
CA ARG B 467 -16.74 -23.49 -13.40
C ARG B 467 -17.67 -23.94 -14.52
N LYS B 468 -17.08 -24.51 -15.59
CA LYS B 468 -17.87 -25.12 -16.65
C LYS B 468 -18.41 -26.49 -16.26
N SER B 469 -17.87 -27.11 -15.21
CA SER B 469 -18.28 -28.43 -14.81
C SER B 469 -17.97 -28.61 -13.32
N GLU B 470 -18.81 -29.38 -12.65
CA GLU B 470 -18.66 -29.61 -11.20
C GLU B 470 -17.70 -30.78 -11.02
N GLU B 471 -16.41 -30.46 -10.85
CA GLU B 471 -15.40 -31.46 -10.62
C GLU B 471 -14.13 -30.77 -10.11
N THR B 472 -13.28 -31.55 -9.45
CA THR B 472 -12.05 -31.00 -8.89
C THR B 472 -11.17 -30.46 -10.01
N ILE B 473 -10.58 -29.30 -9.76
CA ILE B 473 -9.69 -28.65 -10.71
C ILE B 473 -8.27 -29.16 -10.49
N THR B 474 -7.67 -29.72 -11.53
CA THR B 474 -6.29 -30.17 -11.55
C THR B 474 -5.52 -29.34 -12.56
N PRO B 475 -4.18 -29.36 -12.51
CA PRO B 475 -3.42 -28.66 -13.57
C PRO B 475 -3.70 -29.18 -14.95
N TRP B 476 -4.18 -30.42 -15.06
CA TRP B 476 -4.36 -31.07 -16.35
C TRP B 476 -5.75 -30.87 -16.93
N ASN B 477 -6.75 -30.53 -16.12
CA ASN B 477 -8.10 -30.32 -16.60
C ASN B 477 -8.58 -28.88 -16.44
N PHE B 478 -7.67 -27.96 -16.08
CA PHE B 478 -8.07 -26.58 -15.77
C PHE B 478 -8.85 -25.95 -16.91
N GLU B 479 -8.34 -26.11 -18.14
CA GLU B 479 -8.98 -25.48 -19.30
C GLU B 479 -10.36 -26.05 -19.57
N GLU B 480 -10.65 -27.28 -19.12
CA GLU B 480 -11.94 -27.90 -19.36
C GLU B 480 -12.93 -27.67 -18.23
N VAL B 481 -12.46 -27.50 -17.00
CA VAL B 481 -13.36 -27.33 -15.87
C VAL B 481 -13.63 -25.85 -15.58
N VAL B 482 -12.65 -24.97 -15.80
CA VAL B 482 -12.78 -23.55 -15.52
C VAL B 482 -13.18 -22.81 -16.79
N ASP B 483 -14.13 -21.88 -16.65
CA ASP B 483 -14.53 -21.00 -17.75
C ASP B 483 -13.65 -19.77 -17.71
N LYS B 484 -12.56 -19.81 -18.49
CA LYS B 484 -11.59 -18.72 -18.45
C LYS B 484 -12.20 -17.41 -18.93
N GLY B 485 -13.04 -17.47 -19.96
CA GLY B 485 -13.66 -16.27 -20.51
C GLY B 485 -14.59 -15.56 -19.55
N ALA B 486 -15.58 -16.30 -19.05
CA ALA B 486 -16.49 -15.74 -18.06
C ALA B 486 -15.75 -15.27 -16.81
N SER B 487 -14.72 -16.01 -16.40
CA SER B 487 -13.95 -15.63 -15.22
C SER B 487 -13.20 -14.33 -15.43
N ALA B 488 -12.58 -14.14 -16.61
CA ALA B 488 -11.88 -12.89 -16.88
C ALA B 488 -12.85 -11.72 -16.96
N GLN B 489 -14.00 -11.94 -17.61
CA GLN B 489 -15.00 -10.89 -17.66
C GLN B 489 -15.47 -10.51 -16.27
N SER B 490 -15.68 -11.50 -15.39
CA SER B 490 -16.05 -11.20 -14.01
C SER B 490 -14.92 -10.47 -13.29
N PHE B 491 -13.68 -10.87 -13.55
CA PHE B 491 -12.52 -10.23 -12.93
C PHE B 491 -12.55 -8.74 -13.19
N ILE B 492 -12.79 -8.33 -14.44
CA ILE B 492 -12.80 -6.90 -14.72
C ILE B 492 -14.10 -6.26 -14.22
N GLU B 493 -15.24 -6.87 -14.54
CA GLU B 493 -16.53 -6.21 -14.32
C GLU B 493 -16.86 -6.05 -12.84
N ARG B 494 -16.40 -6.97 -11.99
CA ARG B 494 -16.71 -6.86 -10.58
C ARG B 494 -16.06 -5.63 -9.94
N MET B 495 -15.20 -4.92 -10.68
CA MET B 495 -14.52 -3.74 -10.16
C MET B 495 -14.89 -2.44 -10.87
N THR B 496 -15.64 -2.49 -11.97
CA THR B 496 -15.96 -1.30 -12.74
C THR B 496 -17.28 -0.69 -12.26
N ASN B 497 -17.41 0.61 -12.48
CA ASN B 497 -18.55 1.37 -11.98
C ASN B 497 -19.73 1.31 -12.94
N PHE B 498 -20.93 1.40 -12.37
CA PHE B 498 -22.13 1.59 -13.15
C PHE B 498 -22.38 3.07 -13.39
N ASP B 499 -23.19 3.35 -14.41
CA ASP B 499 -23.58 4.73 -14.69
C ASP B 499 -24.34 5.30 -13.50
N LYS B 500 -23.87 6.45 -13.00
CA LYS B 500 -24.55 7.07 -11.87
C LYS B 500 -25.92 7.60 -12.26
N ASN B 501 -26.12 7.93 -13.54
CA ASN B 501 -27.44 8.35 -13.99
C ASN B 501 -28.38 7.15 -14.17
N LEU B 502 -27.87 6.07 -14.77
CA LEU B 502 -28.62 4.83 -14.97
C LEU B 502 -27.92 3.74 -14.16
N PRO B 503 -28.25 3.58 -12.88
CA PRO B 503 -27.43 2.73 -12.00
C PRO B 503 -27.39 1.26 -12.39
N ASN B 504 -28.30 0.79 -13.22
CA ASN B 504 -28.28 -0.60 -13.67
C ASN B 504 -27.57 -0.75 -15.02
N GLU B 505 -26.70 0.19 -15.37
CA GLU B 505 -26.00 0.18 -16.64
C GLU B 505 -24.51 0.33 -16.41
N LYS B 506 -23.72 -0.47 -17.13
CA LYS B 506 -22.27 -0.36 -17.04
C LYS B 506 -21.76 0.78 -17.92
N VAL B 507 -20.71 1.44 -17.45
CA VAL B 507 -20.08 2.49 -18.23
C VAL B 507 -19.39 1.89 -19.45
N LEU B 508 -19.24 2.69 -20.50
CA LEU B 508 -18.55 2.25 -21.68
C LEU B 508 -17.05 2.20 -21.44
N PRO B 509 -16.31 1.47 -22.27
CA PRO B 509 -14.85 1.61 -22.27
C PRO B 509 -14.46 3.04 -22.62
N LYS B 510 -13.42 3.53 -21.94
CA LYS B 510 -12.98 4.91 -22.15
C LYS B 510 -12.62 5.18 -23.60
N HIS B 511 -12.18 4.14 -24.32
CA HIS B 511 -11.77 4.27 -25.71
C HIS B 511 -12.82 3.80 -26.69
N SER B 512 -14.08 3.66 -26.24
CA SER B 512 -15.16 3.33 -27.15
C SER B 512 -15.33 4.43 -28.20
N LEU B 513 -15.58 4.03 -29.44
CA LEU B 513 -15.80 5.01 -30.50
C LEU B 513 -17.00 5.90 -30.19
N LEU B 514 -18.06 5.30 -29.65
CA LEU B 514 -19.24 6.07 -29.27
C LEU B 514 -18.93 7.10 -28.19
N TYR B 515 -18.15 6.69 -27.18
CA TYR B 515 -17.77 7.62 -26.11
C TYR B 515 -16.97 8.80 -26.66
N GLU B 516 -16.08 8.53 -27.61
CA GLU B 516 -15.25 9.59 -28.17
C GLU B 516 -16.07 10.53 -29.07
N TYR B 517 -16.99 9.97 -29.85
CA TYR B 517 -17.93 10.81 -30.60
C TYR B 517 -18.72 11.70 -29.64
N PHE B 518 -19.19 11.13 -28.53
CA PHE B 518 -19.93 11.91 -27.55
C PHE B 518 -19.10 13.06 -27.00
N THR B 519 -17.85 12.77 -26.62
CA THR B 519 -17.00 13.81 -26.04
C THR B 519 -16.68 14.90 -27.07
N VAL B 520 -16.38 14.50 -28.31
CA VAL B 520 -16.06 15.47 -29.36
C VAL B 520 -17.26 16.36 -29.63
N TYR B 521 -18.46 15.78 -29.73
CA TYR B 521 -19.64 16.59 -30.02
C TYR B 521 -20.06 17.44 -28.82
N ASN B 522 -19.83 16.96 -27.60
CA ASN B 522 -20.16 17.77 -26.44
C ASN B 522 -19.25 18.97 -26.34
N GLU B 523 -18.00 18.84 -26.77
CA GLU B 523 -17.13 20.01 -26.82
C GLU B 523 -17.49 20.92 -27.99
N LEU B 524 -17.76 20.34 -29.17
CA LEU B 524 -17.98 21.14 -30.36
C LEU B 524 -19.29 21.90 -30.33
N THR B 525 -20.28 21.40 -29.57
CA THR B 525 -21.61 22.02 -29.62
C THR B 525 -21.64 23.36 -28.90
N LYS B 526 -20.69 23.65 -28.02
CA LYS B 526 -20.64 24.91 -27.30
C LYS B 526 -19.61 25.88 -27.89
N VAL B 527 -19.19 25.64 -29.12
CA VAL B 527 -18.21 26.50 -29.80
C VAL B 527 -18.96 27.57 -30.58
N LYS B 528 -18.46 28.81 -30.51
CA LYS B 528 -19.04 29.93 -31.22
C LYS B 528 -18.00 30.55 -32.15
N TYR B 529 -18.48 31.06 -33.29
CA TYR B 529 -17.60 31.70 -34.27
C TYR B 529 -18.21 33.03 -34.70
N VAL B 530 -17.35 34.04 -34.84
CA VAL B 530 -17.76 35.38 -35.26
C VAL B 530 -16.92 35.80 -36.46
N THR B 531 -17.49 36.66 -37.28
CA THR B 531 -16.75 37.25 -38.40
C THR B 531 -17.08 38.75 -38.44
N GLU B 532 -16.81 39.38 -39.58
CA GLU B 532 -17.06 40.82 -39.71
C GLU B 532 -18.54 41.10 -39.87
N GLY B 533 -19.15 40.57 -40.93
CA GLY B 533 -20.56 40.84 -41.21
C GLY B 533 -21.52 40.29 -40.17
N MET B 534 -21.05 39.45 -39.25
CA MET B 534 -21.91 38.92 -38.21
C MET B 534 -22.04 39.89 -37.05
N ARG B 535 -23.24 39.95 -36.48
CA ARG B 535 -23.49 40.88 -35.38
C ARG B 535 -23.07 40.31 -34.04
N LYS B 536 -23.28 39.01 -33.83
CA LYS B 536 -22.97 38.34 -32.57
C LYS B 536 -22.46 36.95 -32.87
N PRO B 537 -21.79 36.31 -31.91
CA PRO B 537 -21.32 34.93 -32.12
C PRO B 537 -22.50 33.97 -32.28
N ALA B 538 -22.39 33.10 -33.28
CA ALA B 538 -23.41 32.11 -33.57
C ALA B 538 -22.88 30.71 -33.25
N PHE B 539 -23.81 29.80 -32.98
CA PHE B 539 -23.46 28.42 -32.68
C PHE B 539 -23.23 27.64 -33.97
N LEU B 540 -22.44 26.58 -33.87
CA LEU B 540 -22.22 25.68 -34.99
C LEU B 540 -23.48 24.86 -35.25
N SER B 541 -23.94 24.86 -36.49
CA SER B 541 -25.11 24.08 -36.86
C SER B 541 -24.73 22.60 -37.01
N GLY B 542 -25.75 21.77 -37.24
CA GLY B 542 -25.50 20.35 -37.37
C GLY B 542 -24.63 20.00 -38.55
N GLU B 543 -24.90 20.60 -39.71
CA GLU B 543 -24.10 20.32 -40.91
C GLU B 543 -22.68 20.82 -40.75
N GLN B 544 -22.49 21.99 -40.14
CA GLN B 544 -21.15 22.50 -39.90
C GLN B 544 -20.37 21.58 -38.96
N LYS B 545 -21.02 21.11 -37.89
CA LYS B 545 -20.35 20.20 -36.97
C LYS B 545 -20.00 18.88 -37.64
N LYS B 546 -20.92 18.36 -38.46
CA LYS B 546 -20.64 17.13 -39.20
C LYS B 546 -19.46 17.32 -40.16
N ALA B 547 -19.39 18.47 -40.83
CA ALA B 547 -18.28 18.74 -41.74
C ALA B 547 -16.96 18.86 -40.98
N ILE B 548 -16.98 19.49 -39.81
CA ILE B 548 -15.76 19.62 -39.03
C ILE B 548 -15.30 18.26 -38.53
N VAL B 549 -16.25 17.39 -38.15
CA VAL B 549 -15.89 16.05 -37.71
C VAL B 549 -15.32 15.24 -38.86
N ASP B 550 -15.90 15.38 -40.07
CA ASP B 550 -15.46 14.58 -41.20
C ASP B 550 -14.13 15.05 -41.77
N LEU B 551 -13.89 16.36 -41.80
CA LEU B 551 -12.71 16.91 -42.46
C LEU B 551 -11.52 17.08 -41.53
N LEU B 552 -11.76 17.31 -40.24
CA LEU B 552 -10.68 17.57 -39.30
C LEU B 552 -10.52 16.46 -38.26
N PHE B 553 -11.60 16.07 -37.59
CA PHE B 553 -11.49 15.06 -36.54
C PHE B 553 -11.27 13.67 -37.10
N LYS B 554 -11.72 13.41 -38.33
CA LYS B 554 -11.53 12.12 -38.98
C LYS B 554 -10.36 12.10 -39.95
N THR B 555 -9.57 13.19 -39.99
CA THR B 555 -8.33 13.21 -40.75
C THR B 555 -7.11 13.56 -39.93
N ASN B 556 -7.29 14.15 -38.74
CA ASN B 556 -6.20 14.46 -37.83
C ASN B 556 -6.57 13.98 -36.44
N ARG B 557 -5.59 13.41 -35.73
CA ARG B 557 -5.85 12.91 -34.38
C ARG B 557 -6.26 14.05 -33.46
N LYS B 558 -5.48 15.13 -33.46
CA LYS B 558 -5.81 16.34 -32.70
C LYS B 558 -6.20 17.45 -33.67
N VAL B 559 -7.09 18.33 -33.22
CA VAL B 559 -7.62 19.41 -34.04
C VAL B 559 -7.31 20.73 -33.35
N THR B 560 -6.61 21.63 -34.05
CA THR B 560 -6.23 22.92 -33.52
C THR B 560 -7.18 24.01 -34.03
N VAL B 561 -7.18 25.13 -33.32
CA VAL B 561 -8.02 26.26 -33.73
C VAL B 561 -7.53 26.83 -35.06
N LYS B 562 -6.20 26.85 -35.27
CA LYS B 562 -5.66 27.30 -36.54
C LYS B 562 -6.23 26.49 -37.70
N GLN B 563 -6.25 25.16 -37.56
CA GLN B 563 -6.83 24.31 -38.60
C GLN B 563 -8.31 24.57 -38.75
N LEU B 564 -9.01 24.79 -37.64
CA LEU B 564 -10.44 25.11 -37.70
C LEU B 564 -10.69 26.35 -38.54
N LYS B 565 -9.84 27.37 -38.39
CA LYS B 565 -10.06 28.64 -39.08
C LYS B 565 -9.60 28.58 -40.53
N GLU B 566 -8.48 27.92 -40.82
CA GLU B 566 -7.91 27.99 -42.16
C GLU B 566 -8.41 26.87 -43.07
N ASP B 567 -8.63 25.66 -42.54
CA ASP B 567 -9.02 24.52 -43.36
C ASP B 567 -10.52 24.39 -43.52
N TYR B 568 -11.32 25.04 -42.68
CA TYR B 568 -12.77 25.01 -42.80
C TYR B 568 -13.34 26.38 -43.11
N PHE B 569 -13.21 27.35 -42.19
CA PHE B 569 -13.85 28.64 -42.37
C PHE B 569 -13.33 29.40 -43.59
N LYS B 570 -12.11 29.10 -44.05
CA LYS B 570 -11.57 29.72 -45.24
C LYS B 570 -11.83 28.87 -46.49
N LYS B 571 -11.58 27.56 -46.39
CA LYS B 571 -11.74 26.69 -47.55
C LYS B 571 -13.20 26.46 -47.89
N ILE B 572 -14.08 26.41 -46.89
CA ILE B 572 -15.49 26.11 -47.09
C ILE B 572 -16.35 27.37 -47.02
N GLU B 573 -16.20 28.17 -45.96
CA GLU B 573 -17.04 29.33 -45.73
C GLU B 573 -16.51 30.60 -46.40
N CYS B 574 -15.30 30.57 -46.96
CA CYS B 574 -14.70 31.73 -47.61
C CYS B 574 -14.61 32.93 -46.67
N PHE B 575 -14.06 32.68 -45.48
CA PHE B 575 -13.77 33.73 -44.51
C PHE B 575 -12.26 33.88 -44.36
N ASP B 576 -11.79 35.12 -44.28
CA ASP B 576 -10.37 35.39 -44.06
C ASP B 576 -10.04 35.70 -42.61
N SER B 577 -11.03 36.08 -41.81
CA SER B 577 -10.82 36.35 -40.38
C SER B 577 -12.04 35.85 -39.61
N VAL B 578 -11.78 35.13 -38.52
CA VAL B 578 -12.85 34.56 -37.71
C VAL B 578 -12.37 34.50 -36.27
N GLU B 579 -13.26 34.83 -35.34
CA GLU B 579 -12.98 34.80 -33.91
C GLU B 579 -13.68 33.58 -33.32
N ILE B 580 -12.90 32.67 -32.74
CA ILE B 580 -13.42 31.43 -32.17
C ILE B 580 -13.52 31.60 -30.66
N SER B 581 -14.56 31.02 -30.07
CA SER B 581 -14.72 31.01 -28.62
C SER B 581 -15.26 29.65 -28.19
N GLY B 582 -14.84 29.22 -27.00
CA GLY B 582 -15.23 27.94 -26.44
C GLY B 582 -14.10 26.93 -26.35
N VAL B 583 -13.06 27.10 -27.16
CA VAL B 583 -11.92 26.18 -27.20
C VAL B 583 -10.64 27.01 -27.27
N GLU B 584 -9.65 26.65 -26.46
CA GLU B 584 -8.38 27.36 -26.41
C GLU B 584 -7.30 26.50 -27.07
N ASP B 585 -6.63 27.06 -28.07
CA ASP B 585 -5.52 26.43 -28.77
C ASP B 585 -5.94 25.17 -29.53
N ARG B 586 -6.40 24.15 -28.81
CA ARG B 586 -6.73 22.88 -29.43
C ARG B 586 -7.95 22.27 -28.75
N PHE B 587 -8.68 21.45 -29.50
CA PHE B 587 -9.81 20.73 -28.93
C PHE B 587 -9.32 19.65 -27.99
N ASN B 588 -9.92 19.58 -26.80
CA ASN B 588 -9.52 18.58 -25.81
C ASN B 588 -9.92 17.18 -26.26
N ALA B 589 -11.18 16.99 -26.64
CA ALA B 589 -11.64 15.70 -27.12
C ALA B 589 -10.99 15.37 -28.47
N SER B 590 -10.97 14.08 -28.79
CA SER B 590 -10.36 13.62 -30.03
C SER B 590 -10.89 12.22 -30.33
N LEU B 591 -10.60 11.77 -31.56
CA LEU B 591 -11.03 10.44 -31.99
C LEU B 591 -9.83 9.52 -32.16
N GLY B 592 -9.14 9.23 -31.06
CA GLY B 592 -7.94 8.39 -31.14
C GLY B 592 -8.24 6.97 -31.56
N THR B 593 -9.32 6.39 -31.04
CA THR B 593 -9.69 5.02 -31.43
C THR B 593 -10.01 4.95 -32.91
N TYR B 594 -10.64 6.00 -33.45
CA TYR B 594 -10.94 6.04 -34.87
C TYR B 594 -9.68 5.91 -35.71
N HIS B 595 -8.66 6.71 -35.38
CA HIS B 595 -7.42 6.68 -36.17
C HIS B 595 -6.64 5.38 -35.93
N ASP B 596 -6.69 4.84 -34.70
CA ASP B 596 -6.05 3.54 -34.46
C ASP B 596 -6.67 2.46 -35.34
N LEU B 597 -8.00 2.37 -35.34
CA LEU B 597 -8.67 1.37 -36.17
C LEU B 597 -8.49 1.66 -37.65
N LEU B 598 -8.34 2.93 -38.03
CA LEU B 598 -8.11 3.26 -39.43
C LEU B 598 -6.73 2.81 -39.88
N LYS B 599 -5.72 2.94 -39.02
CA LYS B 599 -4.40 2.44 -39.37
C LYS B 599 -4.39 0.91 -39.39
N ILE B 600 -5.12 0.28 -38.46
CA ILE B 600 -5.09 -1.17 -38.37
C ILE B 600 -5.82 -1.80 -39.57
N ILE B 601 -7.06 -1.38 -39.82
CA ILE B 601 -7.86 -2.04 -40.84
C ILE B 601 -7.76 -1.37 -42.21
N LYS B 602 -7.36 -0.11 -42.27
CA LYS B 602 -7.17 0.61 -43.53
C LYS B 602 -8.44 0.58 -44.39
N ASP B 603 -9.57 0.91 -43.75
CA ASP B 603 -10.86 0.94 -44.43
C ASP B 603 -11.69 2.05 -43.80
N LYS B 604 -11.69 3.22 -44.44
CA LYS B 604 -12.41 4.37 -43.90
C LYS B 604 -13.91 4.20 -44.02
N ASP B 605 -14.39 3.57 -45.10
CA ASP B 605 -15.82 3.34 -45.25
C ASP B 605 -16.35 2.36 -44.21
N PHE B 606 -15.50 1.45 -43.72
CA PHE B 606 -15.93 0.55 -42.66
C PHE B 606 -16.17 1.30 -41.37
N LEU B 607 -15.29 2.23 -41.02
CA LEU B 607 -15.43 3.00 -39.78
C LEU B 607 -16.51 4.07 -39.90
N ASP B 608 -16.75 4.60 -41.11
CA ASP B 608 -17.76 5.63 -41.27
C ASP B 608 -19.17 5.06 -41.41
N ASN B 609 -19.30 3.82 -41.84
CA ASN B 609 -20.62 3.20 -41.94
C ASN B 609 -21.21 3.01 -40.55
N GLU B 610 -22.37 3.62 -40.31
CA GLU B 610 -23.00 3.53 -39.00
C GLU B 610 -23.44 2.11 -38.69
N GLU B 611 -23.74 1.32 -39.72
CA GLU B 611 -24.17 -0.06 -39.51
C GLU B 611 -23.06 -0.93 -38.95
N ASN B 612 -21.80 -0.54 -39.13
CA ASN B 612 -20.67 -1.21 -38.51
C ASN B 612 -20.41 -0.73 -37.08
N GLU B 613 -21.37 -0.02 -36.49
CA GLU B 613 -21.18 0.55 -35.15
C GLU B 613 -21.06 -0.54 -34.10
N ASP B 614 -22.14 -1.31 -33.91
CA ASP B 614 -22.20 -2.28 -32.81
C ASP B 614 -21.08 -3.31 -32.89
N ILE B 615 -20.58 -3.60 -34.09
CA ILE B 615 -19.39 -4.44 -34.20
C ILE B 615 -18.22 -3.79 -33.49
N LEU B 616 -17.81 -2.61 -33.97
CA LEU B 616 -16.61 -1.95 -33.49
C LEU B 616 -16.66 -1.78 -31.96
N GLU B 617 -17.79 -1.30 -31.44
CA GLU B 617 -18.00 -1.21 -30.01
C GLU B 617 -17.54 -2.48 -29.29
N ASP B 618 -18.14 -3.63 -29.66
CA ASP B 618 -17.76 -4.88 -29.04
C ASP B 618 -16.27 -5.13 -29.16
N ILE B 619 -15.70 -4.88 -30.35
CA ILE B 619 -14.27 -5.02 -30.55
C ILE B 619 -13.52 -4.21 -29.49
N VAL B 620 -13.84 -2.91 -29.40
CA VAL B 620 -13.21 -2.06 -28.39
C VAL B 620 -13.42 -2.66 -27.00
N LEU B 621 -14.66 -3.08 -26.72
CA LEU B 621 -14.95 -3.75 -25.45
C LEU B 621 -14.01 -4.92 -25.24
N THR B 622 -13.89 -5.79 -26.25
CA THR B 622 -13.01 -6.94 -26.14
C THR B 622 -11.56 -6.50 -25.93
N LEU B 623 -11.15 -5.40 -26.56
CA LEU B 623 -9.78 -4.93 -26.38
C LEU B 623 -9.59 -4.30 -25.01
N THR B 624 -10.68 -3.81 -24.39
CA THR B 624 -10.61 -3.23 -23.06
C THR B 624 -10.85 -4.29 -21.99
N LEU B 625 -11.78 -5.21 -22.25
CA LEU B 625 -12.13 -6.22 -21.25
C LEU B 625 -11.00 -7.21 -21.01
N PHE B 626 -10.24 -7.53 -22.05
CA PHE B 626 -9.29 -8.63 -22.00
C PHE B 626 -7.88 -8.15 -22.29
N GLU B 627 -6.91 -8.72 -21.57
CA GLU B 627 -5.50 -8.48 -21.81
C GLU B 627 -4.79 -9.69 -22.40
N ASP B 628 -5.29 -10.89 -22.13
CA ASP B 628 -4.69 -12.11 -22.67
C ASP B 628 -4.90 -12.16 -24.18
N ARG B 629 -3.80 -12.15 -24.93
CA ARG B 629 -3.90 -12.07 -26.38
C ARG B 629 -4.61 -13.29 -26.97
N GLU B 630 -4.47 -14.46 -26.35
CA GLU B 630 -5.17 -15.64 -26.82
C GLU B 630 -6.68 -15.48 -26.70
N MET B 631 -7.13 -14.97 -25.56
CA MET B 631 -8.57 -14.74 -25.37
C MET B 631 -9.08 -13.64 -26.29
N ILE B 632 -8.26 -12.61 -26.53
CA ILE B 632 -8.64 -11.56 -27.48
C ILE B 632 -8.81 -12.13 -28.86
N GLU B 633 -7.89 -13.01 -29.27
CA GLU B 633 -7.99 -13.67 -30.57
C GLU B 633 -9.26 -14.51 -30.65
N GLU B 634 -9.54 -15.30 -29.61
CA GLU B 634 -10.73 -16.13 -29.59
C GLU B 634 -12.00 -15.29 -29.70
N ARG B 635 -12.05 -14.16 -29.00
CA ARG B 635 -13.25 -13.34 -29.00
C ARG B 635 -13.41 -12.60 -30.33
N LEU B 636 -12.32 -12.09 -30.90
CA LEU B 636 -12.38 -11.37 -32.17
C LEU B 636 -12.52 -12.30 -33.37
N LYS B 637 -12.35 -13.61 -33.19
CA LYS B 637 -12.55 -14.55 -34.28
C LYS B 637 -13.92 -14.39 -34.96
N THR B 638 -14.93 -13.94 -34.20
CA THR B 638 -16.27 -13.77 -34.77
C THR B 638 -16.25 -12.80 -35.94
N TYR B 639 -15.39 -11.78 -35.89
CA TYR B 639 -15.31 -10.78 -36.95
C TYR B 639 -14.12 -10.99 -37.87
N ALA B 640 -13.58 -12.22 -37.92
CA ALA B 640 -12.48 -12.51 -38.84
C ALA B 640 -12.93 -12.49 -40.28
N HIS B 641 -14.24 -12.61 -40.54
CA HIS B 641 -14.75 -12.58 -41.90
C HIS B 641 -14.76 -11.19 -42.52
N LEU B 642 -14.54 -10.15 -41.71
CA LEU B 642 -14.58 -8.77 -42.20
C LEU B 642 -13.21 -8.21 -42.57
N PHE B 643 -12.13 -8.84 -42.11
CA PHE B 643 -10.79 -8.28 -42.26
C PHE B 643 -9.83 -9.36 -42.76
N ASP B 644 -8.59 -8.94 -43.01
CA ASP B 644 -7.53 -9.84 -43.44
C ASP B 644 -6.80 -10.43 -42.23
N ASP B 645 -5.90 -11.37 -42.51
CA ASP B 645 -5.11 -11.98 -41.45
C ASP B 645 -4.19 -10.94 -40.79
N LYS B 646 -3.59 -10.07 -41.60
CA LYS B 646 -2.74 -9.03 -41.06
C LYS B 646 -3.54 -8.02 -40.24
N VAL B 647 -4.74 -7.68 -40.70
CA VAL B 647 -5.61 -6.78 -39.94
C VAL B 647 -5.99 -7.41 -38.62
N MET B 648 -6.30 -8.71 -38.63
CA MET B 648 -6.68 -9.39 -37.39
C MET B 648 -5.50 -9.49 -36.43
N LYS B 649 -4.29 -9.69 -36.95
CA LYS B 649 -3.12 -9.72 -36.08
C LYS B 649 -2.84 -8.34 -35.48
N GLN B 650 -2.98 -7.28 -36.28
CA GLN B 650 -2.81 -5.93 -35.76
C GLN B 650 -3.89 -5.59 -34.73
N LEU B 651 -5.10 -6.11 -34.90
CA LEU B 651 -6.13 -5.95 -33.88
C LEU B 651 -5.79 -6.71 -32.62
N LYS B 652 -5.26 -7.93 -32.76
CA LYS B 652 -4.79 -8.70 -31.61
C LYS B 652 -3.78 -7.90 -30.80
N ARG B 653 -2.76 -7.36 -31.47
CA ARG B 653 -1.72 -6.64 -30.75
C ARG B 653 -2.19 -5.29 -30.21
N ARG B 654 -3.41 -4.87 -30.54
CA ARG B 654 -3.98 -3.62 -30.03
C ARG B 654 -4.84 -3.91 -28.80
N ARG B 655 -4.57 -3.19 -27.71
CA ARG B 655 -5.33 -3.34 -26.48
C ARG B 655 -5.59 -1.95 -25.89
N TYR B 656 -6.60 -1.88 -25.04
CA TYR B 656 -6.96 -0.65 -24.35
C TYR B 656 -7.24 -0.95 -22.88
N THR B 657 -7.04 0.06 -22.05
CA THR B 657 -7.46 0.03 -20.65
C THR B 657 -8.18 1.32 -20.31
N GLY B 658 -9.04 1.26 -19.33
CA GLY B 658 -9.76 2.44 -18.91
C GLY B 658 -11.24 2.35 -19.22
N TRP B 659 -12.05 2.99 -18.37
CA TRP B 659 -13.49 2.98 -18.50
C TRP B 659 -14.05 4.38 -18.33
N GLY B 660 -15.04 4.71 -19.13
CA GLY B 660 -15.70 5.99 -19.02
C GLY B 660 -16.56 6.08 -17.78
N ARG B 661 -17.37 7.14 -17.71
CA ARG B 661 -18.26 7.36 -16.58
C ARG B 661 -19.73 7.32 -16.97
N LEU B 662 -20.04 7.11 -18.24
CA LEU B 662 -21.42 7.06 -18.71
C LEU B 662 -21.66 5.78 -19.49
N SER B 663 -22.90 5.32 -19.47
CA SER B 663 -23.28 4.10 -20.16
C SER B 663 -23.65 4.38 -21.62
N ARG B 664 -23.70 3.31 -22.40
CA ARG B 664 -24.13 3.41 -23.79
C ARG B 664 -25.61 3.77 -23.88
N LYS B 665 -26.42 3.34 -22.90
CA LYS B 665 -27.85 3.63 -22.91
C LYS B 665 -28.14 5.08 -22.56
N LEU B 666 -27.17 5.82 -22.01
CA LEU B 666 -27.35 7.23 -21.76
C LEU B 666 -26.84 8.08 -22.93
N ILE B 667 -25.76 7.66 -23.57
CA ILE B 667 -25.21 8.40 -24.70
C ILE B 667 -26.12 8.28 -25.92
N ASN B 668 -26.33 7.06 -26.40
CA ASN B 668 -27.08 6.81 -27.62
C ASN B 668 -28.38 6.07 -27.38
N GLY B 669 -28.72 5.76 -26.12
CA GLY B 669 -29.84 4.91 -25.83
C GLY B 669 -31.16 5.61 -25.63
N ILE B 670 -31.36 6.22 -24.46
CA ILE B 670 -32.63 6.85 -24.14
C ILE B 670 -32.88 8.03 -25.07
N ARG B 671 -34.12 8.17 -25.54
CA ARG B 671 -34.51 9.23 -26.45
C ARG B 671 -35.62 10.06 -25.82
N ASP B 672 -35.61 11.36 -26.12
CA ASP B 672 -36.66 12.24 -25.65
C ASP B 672 -38.00 11.86 -26.26
N LYS B 673 -39.06 11.99 -25.47
CA LYS B 673 -40.36 11.44 -25.87
C LYS B 673 -40.95 12.19 -27.06
N GLN B 674 -40.84 13.51 -27.07
CA GLN B 674 -41.46 14.30 -28.14
C GLN B 674 -40.56 14.46 -29.36
N SER B 675 -39.24 14.39 -29.19
CA SER B 675 -38.33 14.55 -30.33
C SER B 675 -37.82 13.23 -30.88
N GLY B 676 -37.77 12.18 -30.07
CA GLY B 676 -37.22 10.91 -30.50
C GLY B 676 -35.73 10.88 -30.70
N LYS B 677 -35.00 11.88 -30.18
CA LYS B 677 -33.57 11.97 -30.37
C LYS B 677 -32.84 11.64 -29.07
N THR B 678 -31.73 10.93 -29.18
CA THR B 678 -30.92 10.63 -28.01
C THR B 678 -29.99 11.81 -27.70
N ILE B 679 -29.15 11.65 -26.67
CA ILE B 679 -28.24 12.72 -26.28
C ILE B 679 -27.25 13.01 -27.41
N LEU B 680 -26.69 11.96 -28.02
CA LEU B 680 -25.75 12.17 -29.11
C LEU B 680 -26.43 12.81 -30.32
N ASP B 681 -27.72 12.53 -30.52
CA ASP B 681 -28.45 13.18 -31.61
C ASP B 681 -28.58 14.69 -31.36
N PHE B 682 -28.86 15.08 -30.11
CA PHE B 682 -28.90 16.50 -29.79
C PHE B 682 -27.53 17.14 -29.91
N LEU B 683 -26.47 16.41 -29.53
CA LEU B 683 -25.13 16.95 -29.65
C LEU B 683 -24.71 17.11 -31.10
N LYS B 684 -25.20 16.25 -31.99
CA LYS B 684 -24.90 16.40 -33.42
C LYS B 684 -25.64 17.60 -34.01
N SER B 685 -26.87 17.84 -33.56
CA SER B 685 -27.66 18.96 -34.09
C SER B 685 -28.78 19.27 -33.10
N ASP B 686 -28.81 20.50 -32.60
CA ASP B 686 -29.87 20.98 -31.72
C ASP B 686 -30.35 22.36 -32.18
N GLY B 687 -30.54 22.51 -33.50
CA GLY B 687 -31.00 23.77 -34.06
C GLY B 687 -30.03 24.91 -33.79
N PHE B 688 -30.45 25.87 -32.98
CA PHE B 688 -29.60 26.97 -32.56
C PHE B 688 -29.38 27.01 -31.05
N ALA B 689 -30.02 26.12 -30.29
CA ALA B 689 -29.76 26.06 -28.85
C ALA B 689 -28.42 25.38 -28.55
N ASN B 690 -28.13 24.28 -29.24
CA ASN B 690 -26.88 23.55 -29.10
C ASN B 690 -26.62 23.17 -27.64
N ARG B 691 -27.60 22.48 -27.06
CA ARG B 691 -27.53 22.09 -25.66
C ARG B 691 -26.57 20.92 -25.49
N ASN B 692 -25.70 21.01 -24.48
CA ASN B 692 -24.71 19.97 -24.22
C ASN B 692 -25.31 18.93 -23.26
N PHE B 693 -24.44 18.07 -22.70
CA PHE B 693 -24.92 16.93 -21.94
C PHE B 693 -25.68 17.36 -20.69
N MET B 694 -25.08 18.23 -19.87
CA MET B 694 -25.71 18.65 -18.62
C MET B 694 -27.01 19.41 -18.90
N GLN B 695 -27.01 20.28 -19.90
CA GLN B 695 -28.22 21.01 -20.25
C GLN B 695 -29.33 20.07 -20.67
N LEU B 696 -29.01 19.08 -21.50
CA LEU B 696 -30.02 18.13 -21.96
C LEU B 696 -30.59 17.33 -20.79
N ILE B 697 -29.71 16.82 -19.92
CA ILE B 697 -30.19 16.00 -18.80
C ILE B 697 -30.67 16.83 -17.62
N HIS B 698 -30.69 18.16 -17.75
CA HIS B 698 -31.25 19.03 -16.72
C HIS B 698 -32.43 19.86 -17.22
N ASP B 699 -32.96 19.56 -18.40
CA ASP B 699 -34.00 20.35 -19.03
C ASP B 699 -35.38 19.76 -18.70
N ASP B 700 -36.24 20.58 -18.09
CA ASP B 700 -37.58 20.09 -17.73
C ASP B 700 -38.49 19.97 -18.95
N SER B 701 -38.16 20.62 -20.06
CA SER B 701 -38.95 20.46 -21.29
C SER B 701 -38.60 19.19 -22.04
N LEU B 702 -37.59 18.45 -21.60
CA LEU B 702 -37.21 17.16 -22.16
C LEU B 702 -37.49 16.05 -21.14
N THR B 703 -37.54 14.83 -21.64
CA THR B 703 -37.85 13.66 -20.81
C THR B 703 -36.59 12.91 -20.36
N PHE B 704 -35.41 13.44 -20.64
CA PHE B 704 -34.19 12.81 -20.15
C PHE B 704 -34.10 12.91 -18.63
N LYS B 705 -34.31 14.11 -18.09
CA LYS B 705 -34.27 14.31 -16.64
C LYS B 705 -35.27 13.41 -15.94
N GLU B 706 -36.46 13.24 -16.53
CA GLU B 706 -37.49 12.40 -15.92
C GLU B 706 -37.03 10.94 -15.84
N ASP B 707 -36.47 10.42 -16.93
CA ASP B 707 -36.00 9.03 -16.93
C ASP B 707 -34.83 8.84 -15.98
N ILE B 708 -33.94 9.83 -15.90
CA ILE B 708 -32.81 9.75 -14.97
C ILE B 708 -33.32 9.72 -13.53
N GLN B 709 -34.31 10.56 -13.22
CA GLN B 709 -34.91 10.53 -11.88
C GLN B 709 -35.55 9.18 -11.60
N LYS B 710 -36.24 8.60 -12.59
CA LYS B 710 -36.88 7.31 -12.39
C LYS B 710 -35.86 6.20 -12.18
N ALA B 711 -34.70 6.30 -12.82
CA ALA B 711 -33.69 5.26 -12.68
C ALA B 711 -33.07 5.22 -11.28
N GLN B 712 -33.10 6.33 -10.55
CA GLN B 712 -32.51 6.40 -9.22
C GLN B 712 -33.31 5.55 -8.23
N ASP B 718 -27.78 2.92 3.30
CA ASP B 718 -26.96 1.89 3.94
C ASP B 718 -26.64 2.27 5.38
N SER B 719 -25.99 1.35 6.10
CA SER B 719 -25.66 1.57 7.49
C SER B 719 -24.48 2.53 7.60
N LEU B 720 -24.27 3.03 8.82
CA LEU B 720 -23.22 4.03 9.05
C LEU B 720 -21.85 3.45 8.80
N HIS B 721 -21.56 2.28 9.39
CA HIS B 721 -20.26 1.66 9.19
C HIS B 721 -20.04 1.29 7.73
N GLU B 722 -21.06 0.74 7.08
CA GLU B 722 -20.95 0.43 5.65
C GLU B 722 -20.67 1.68 4.84
N HIS B 723 -21.46 2.73 5.06
CA HIS B 723 -21.30 3.96 4.28
C HIS B 723 -19.90 4.55 4.47
N ILE B 724 -19.40 4.57 5.70
CA ILE B 724 -18.07 5.11 5.93
C ILE B 724 -17.01 4.21 5.31
N ALA B 725 -17.23 2.90 5.31
CA ALA B 725 -16.25 1.99 4.72
C ALA B 725 -16.19 2.14 3.20
N ASN B 726 -17.28 2.57 2.57
CA ASN B 726 -17.33 2.72 1.13
C ASN B 726 -16.83 4.08 0.64
N LEU B 727 -16.52 5.00 1.53
CA LEU B 727 -15.96 6.28 1.13
C LEU B 727 -14.56 6.08 0.54
N ALA B 728 -14.03 7.14 -0.06
CA ALA B 728 -12.68 7.13 -0.63
C ALA B 728 -11.75 7.86 0.33
N GLY B 729 -10.80 7.12 0.89
CA GLY B 729 -9.85 7.70 1.83
C GLY B 729 -9.08 6.62 2.54
N SER B 730 -8.08 7.05 3.29
CA SER B 730 -7.26 6.12 4.05
C SER B 730 -8.08 5.50 5.18
N PRO B 731 -7.82 4.23 5.52
CA PRO B 731 -8.59 3.59 6.60
C PRO B 731 -8.47 4.29 7.95
N ALA B 732 -7.33 4.90 8.24
CA ALA B 732 -7.17 5.63 9.50
C ALA B 732 -8.15 6.79 9.60
N ILE B 733 -8.26 7.58 8.54
CA ILE B 733 -9.17 8.72 8.59
C ILE B 733 -10.63 8.24 8.62
N LYS B 734 -10.91 7.10 8.01
CA LYS B 734 -12.26 6.54 8.12
C LYS B 734 -12.58 6.16 9.57
N LYS B 735 -11.60 5.58 10.27
CA LYS B 735 -11.76 5.33 11.70
C LYS B 735 -12.08 6.62 12.44
N GLY B 736 -11.33 7.68 12.15
CA GLY B 736 -11.60 8.97 12.78
C GLY B 736 -13.00 9.49 12.49
N ILE B 737 -13.48 9.28 11.26
CA ILE B 737 -14.81 9.75 10.89
C ILE B 737 -15.88 9.02 11.68
N LEU B 738 -15.79 7.69 11.74
CA LEU B 738 -16.79 6.93 12.47
C LEU B 738 -16.79 7.31 13.96
N GLN B 739 -15.60 7.48 14.53
CA GLN B 739 -15.55 7.89 15.94
C GLN B 739 -16.13 9.29 16.13
N THR B 740 -15.92 10.19 15.16
CA THR B 740 -16.51 11.52 15.24
C THR B 740 -18.03 11.45 15.28
N VAL B 741 -18.62 10.63 14.40
CA VAL B 741 -20.07 10.51 14.37
C VAL B 741 -20.59 9.93 15.68
N LYS B 742 -19.89 8.93 16.23
CA LYS B 742 -20.36 8.34 17.49
C LYS B 742 -20.24 9.34 18.64
N VAL B 743 -19.17 10.14 18.66
CA VAL B 743 -19.03 11.20 19.66
C VAL B 743 -20.18 12.19 19.55
N VAL B 744 -20.56 12.57 18.32
CA VAL B 744 -21.66 13.52 18.16
C VAL B 744 -22.96 12.92 18.67
N ASP B 745 -23.22 11.65 18.37
CA ASP B 745 -24.43 11.01 18.88
C ASP B 745 -24.47 11.05 20.40
N GLU B 746 -23.34 10.71 21.05
CA GLU B 746 -23.31 10.75 22.50
C GLU B 746 -23.54 12.16 23.04
N LEU B 747 -22.90 13.16 22.43
CA LEU B 747 -23.08 14.54 22.90
C LEU B 747 -24.52 15.01 22.76
N VAL B 748 -25.17 14.64 21.65
CA VAL B 748 -26.57 14.98 21.48
C VAL B 748 -27.42 14.33 22.57
N LYS B 749 -27.15 13.05 22.85
CA LYS B 749 -27.89 12.38 23.93
C LYS B 749 -27.65 13.05 25.28
N VAL B 750 -26.45 13.59 25.51
CA VAL B 750 -26.15 14.23 26.78
C VAL B 750 -26.99 15.50 26.95
N MET B 751 -27.24 16.21 25.86
CA MET B 751 -28.04 17.45 25.90
C MET B 751 -29.53 17.19 25.83
N GLY B 752 -30.01 16.10 26.44
CA GLY B 752 -31.42 15.79 26.46
C GLY B 752 -32.04 15.57 25.10
N ARG B 753 -31.29 14.98 24.17
CA ARG B 753 -31.74 14.69 22.81
C ARG B 753 -32.10 15.95 22.03
N HIS B 754 -31.63 17.11 22.48
CA HIS B 754 -31.79 18.35 21.72
C HIS B 754 -30.63 18.51 20.75
N LYS B 755 -30.94 18.94 19.55
CA LYS B 755 -29.92 19.07 18.52
C LYS B 755 -29.19 20.41 18.63
N PRO B 756 -27.91 20.44 18.32
CA PRO B 756 -27.16 21.70 18.42
C PRO B 756 -27.55 22.68 17.32
N GLU B 757 -27.23 23.94 17.56
CA GLU B 757 -27.42 24.96 16.53
C GLU B 757 -26.39 24.79 15.42
N ASN B 758 -25.13 24.63 15.79
CA ASN B 758 -24.04 24.50 14.83
C ASN B 758 -23.14 23.32 15.20
N ILE B 759 -22.57 22.70 14.17
CA ILE B 759 -21.49 21.74 14.31
C ILE B 759 -20.34 22.24 13.45
N VAL B 760 -19.26 22.66 14.07
CA VAL B 760 -18.08 23.16 13.36
C VAL B 760 -17.02 22.06 13.38
N ILE B 761 -16.70 21.54 12.20
CA ILE B 761 -15.73 20.45 12.05
C ILE B 761 -14.47 20.98 11.39
N GLU B 762 -13.32 20.49 11.85
CA GLU B 762 -12.04 20.77 11.23
C GLU B 762 -11.23 19.47 11.18
N MET B 763 -10.77 19.10 9.98
CA MET B 763 -10.03 17.87 9.77
C MET B 763 -8.53 18.16 9.81
N ALA B 764 -7.79 17.31 10.51
CA ALA B 764 -6.37 17.53 10.69
C ALA B 764 -5.59 17.25 9.41
N ARG B 765 -4.47 17.95 9.26
CA ARG B 765 -3.59 17.76 8.12
C ARG B 765 -2.30 17.08 8.55
N GLU B 923 -12.93 24.74 2.75
CA GLU B 923 -12.17 23.53 2.49
C GLU B 923 -12.85 22.69 1.41
N THR B 924 -12.22 22.61 0.25
CA THR B 924 -12.75 21.89 -0.89
C THR B 924 -12.39 20.41 -0.88
N ARG B 925 -11.74 19.92 0.18
CA ARG B 925 -11.40 18.51 0.27
C ARG B 925 -12.66 17.65 0.31
N GLN B 926 -12.60 16.50 -0.34
CA GLN B 926 -13.78 15.66 -0.48
C GLN B 926 -14.08 14.88 0.80
N ILE B 927 -13.06 14.54 1.59
CA ILE B 927 -13.30 13.72 2.78
C ILE B 927 -13.95 14.55 3.89
N THR B 928 -13.54 15.81 4.02
CA THR B 928 -14.21 16.70 4.97
C THR B 928 -15.63 16.97 4.53
N LYS B 929 -15.86 17.08 3.22
CA LYS B 929 -17.23 17.19 2.71
C LYS B 929 -18.03 15.95 3.02
N HIS B 930 -17.40 14.77 3.00
CA HIS B 930 -18.12 13.54 3.35
C HIS B 930 -18.51 13.53 4.82
N VAL B 931 -17.60 13.94 5.70
CA VAL B 931 -17.93 14.08 7.12
C VAL B 931 -19.09 15.04 7.30
N ALA B 932 -19.02 16.19 6.63
CA ALA B 932 -20.07 17.20 6.77
C ALA B 932 -21.39 16.69 6.24
N GLN B 933 -21.37 15.92 5.15
CA GLN B 933 -22.61 15.38 4.59
C GLN B 933 -23.22 14.34 5.53
N ILE B 934 -22.39 13.46 6.09
CA ILE B 934 -22.89 12.47 7.04
C ILE B 934 -23.55 13.16 8.23
N LEU B 935 -22.84 14.13 8.82
CA LEU B 935 -23.41 14.85 9.97
C LEU B 935 -24.68 15.59 9.59
N ASP B 936 -24.70 16.25 8.43
CA ASP B 936 -25.86 17.03 8.03
C ASP B 936 -27.07 16.13 7.77
N SER B 937 -26.86 15.00 7.09
CA SER B 937 -27.96 14.08 6.81
C SER B 937 -28.43 13.36 8.07
N ARG B 938 -27.58 13.26 9.10
CA ARG B 938 -28.04 12.65 10.35
C ARG B 938 -28.75 13.65 11.26
N MET B 939 -28.35 14.92 11.24
CA MET B 939 -29.01 15.91 12.08
C MET B 939 -30.32 16.41 11.46
N ASN B 940 -30.33 16.64 10.14
CA ASN B 940 -31.45 17.28 9.47
C ASN B 940 -32.24 16.23 8.70
N THR B 941 -33.39 15.82 9.26
CA THR B 941 -34.19 14.75 8.69
C THR B 941 -35.62 15.14 8.34
N LYS B 942 -35.99 16.41 8.50
CA LYS B 942 -37.36 16.84 8.25
C LYS B 942 -37.41 17.79 7.05
N TYR B 943 -38.61 17.92 6.48
CA TYR B 943 -38.85 18.77 5.32
C TYR B 943 -39.96 19.77 5.63
N ASP B 944 -40.00 20.84 4.85
CA ASP B 944 -40.96 21.93 5.05
C ASP B 944 -42.17 21.73 4.13
N GLU B 945 -42.95 22.81 3.95
CA GLU B 945 -44.14 22.71 3.12
C GLU B 945 -43.80 22.56 1.63
N ASN B 946 -42.71 23.17 1.19
CA ASN B 946 -42.27 23.06 -0.20
C ASN B 946 -41.46 21.80 -0.46
N ASP B 947 -41.46 20.84 0.47
CA ASP B 947 -40.76 19.57 0.32
C ASP B 947 -39.25 19.78 0.17
N LYS B 948 -38.72 20.77 0.90
CA LYS B 948 -37.29 21.04 0.93
C LYS B 948 -36.76 20.77 2.34
N LEU B 949 -35.48 20.39 2.40
CA LEU B 949 -34.89 19.95 3.65
C LEU B 949 -34.85 21.09 4.66
N ILE B 950 -35.28 20.79 5.89
CA ILE B 950 -35.19 21.73 7.00
C ILE B 950 -33.82 21.59 7.65
N ARG B 951 -33.03 22.65 7.60
CA ARG B 951 -31.65 22.62 8.09
C ARG B 951 -31.63 23.17 9.52
N GLU B 952 -32.05 22.33 10.46
CA GLU B 952 -32.04 22.71 11.87
C GLU B 952 -30.62 22.90 12.39
N VAL B 953 -29.67 22.17 11.84
CA VAL B 953 -28.28 22.19 12.29
C VAL B 953 -27.42 22.65 11.13
N LYS B 954 -26.66 23.72 11.34
CA LYS B 954 -25.70 24.19 10.35
C LYS B 954 -24.37 23.48 10.57
N VAL B 955 -23.89 22.78 9.55
CA VAL B 955 -22.62 22.08 9.59
C VAL B 955 -21.58 22.96 8.89
N ILE B 956 -20.71 23.57 9.67
CA ILE B 956 -19.65 24.44 9.19
C ILE B 956 -18.36 23.64 9.13
N THR B 957 -17.55 23.87 8.10
CA THR B 957 -16.23 23.27 8.01
C THR B 957 -15.20 24.38 7.98
N LEU B 958 -14.18 24.27 8.84
CA LEU B 958 -13.11 25.26 8.89
C LEU B 958 -11.77 24.59 8.62
N LYS B 959 -10.88 25.32 7.95
CA LYS B 959 -9.51 24.87 7.77
C LYS B 959 -8.69 25.21 9.01
N SER B 960 -7.65 24.42 9.25
CA SER B 960 -6.88 24.54 10.50
C SER B 960 -6.22 25.91 10.63
N LYS B 961 -5.97 26.59 9.52
CA LYS B 961 -5.22 27.84 9.58
C LYS B 961 -6.02 28.95 10.26
N LEU B 962 -7.35 28.92 10.17
CA LEU B 962 -8.17 29.92 10.85
C LEU B 962 -7.90 29.92 12.35
N VAL B 963 -8.08 28.76 12.99
CA VAL B 963 -7.87 28.67 14.43
C VAL B 963 -6.39 28.77 14.77
N SER B 964 -5.50 28.31 13.87
CA SER B 964 -4.06 28.46 14.12
C SER B 964 -3.68 29.94 14.23
N ASP B 965 -4.11 30.75 13.26
CA ASP B 965 -3.86 32.18 13.32
C ASP B 965 -4.58 32.83 14.48
N PHE B 966 -5.77 32.35 14.84
CA PHE B 966 -6.47 32.87 16.01
C PHE B 966 -5.62 32.68 17.27
N ARG B 967 -5.11 31.45 17.46
CA ARG B 967 -4.24 31.18 18.60
C ARG B 967 -3.01 32.08 18.58
N LYS B 968 -2.31 32.12 17.45
CA LYS B 968 -1.06 32.87 17.40
C LYS B 968 -1.28 34.38 17.47
N ASP B 969 -2.49 34.87 17.21
CA ASP B 969 -2.78 36.29 17.30
C ASP B 969 -3.29 36.71 18.67
N PHE B 970 -4.04 35.85 19.36
CA PHE B 970 -4.55 36.18 20.68
C PHE B 970 -3.82 35.43 21.79
N GLN B 971 -2.71 34.76 21.46
CA GLN B 971 -1.81 34.13 22.44
C GLN B 971 -2.51 33.02 23.21
N PHE B 972 -3.23 32.19 22.48
CA PHE B 972 -3.77 30.93 23.01
C PHE B 972 -2.94 29.75 22.48
N TYR B 973 -1.67 29.75 22.86
CA TYR B 973 -0.70 28.85 22.23
C TYR B 973 -0.93 27.40 22.65
N LYS B 974 -0.59 26.48 21.75
CA LYS B 974 -0.64 25.06 22.02
C LYS B 974 0.77 24.50 22.07
N VAL B 975 0.98 23.52 22.96
CA VAL B 975 2.21 22.74 22.99
C VAL B 975 1.78 21.27 23.00
N ARG B 976 1.94 20.60 21.86
CA ARG B 976 1.43 19.23 21.73
C ARG B 976 2.11 18.28 22.69
N GLU B 977 3.35 18.57 23.10
CA GLU B 977 4.11 17.67 23.95
C GLU B 977 3.71 17.72 25.41
N ILE B 978 2.98 18.76 25.84
CA ILE B 978 2.64 18.89 27.25
C ILE B 978 1.63 17.82 27.66
N ASN B 979 0.54 17.71 26.91
CA ASN B 979 -0.47 16.68 27.16
C ASN B 979 -1.33 16.55 25.90
N ASN B 980 -2.49 15.91 26.04
CA ASN B 980 -3.40 15.74 24.93
C ASN B 980 -4.54 16.75 24.92
N TYR B 981 -4.54 17.71 25.85
CA TYR B 981 -5.62 18.68 25.93
C TYR B 981 -5.74 19.54 24.67
N HIS B 982 -4.65 19.65 23.88
CA HIS B 982 -4.69 20.56 22.74
C HIS B 982 -5.72 20.13 21.70
N HIS B 983 -6.04 18.84 21.63
CA HIS B 983 -7.09 18.39 20.72
C HIS B 983 -8.45 18.97 21.14
N ALA B 984 -8.79 18.85 22.42
CA ALA B 984 -10.04 19.41 22.93
C ALA B 984 -10.04 20.93 22.80
N HIS B 985 -8.89 21.57 23.03
CA HIS B 985 -8.80 23.01 22.88
C HIS B 985 -9.02 23.44 21.44
N ASP B 986 -8.48 22.68 20.50
CA ASP B 986 -8.74 22.96 19.08
C ASP B 986 -10.23 22.83 18.77
N ALA B 987 -10.87 21.78 19.29
CA ALA B 987 -12.31 21.64 19.08
C ALA B 987 -13.08 22.85 19.63
N TYR B 988 -12.71 23.29 20.83
CA TYR B 988 -13.39 24.43 21.44
C TYR B 988 -13.20 25.69 20.61
N LEU B 989 -11.96 25.99 20.21
CA LEU B 989 -11.71 27.18 19.41
C LEU B 989 -12.40 27.11 18.06
N ASN B 990 -12.49 25.91 17.47
CA ASN B 990 -13.24 25.75 16.23
C ASN B 990 -14.70 26.12 16.44
N ALA B 991 -15.32 25.60 17.49
CA ALA B 991 -16.71 25.95 17.79
C ALA B 991 -16.86 27.46 17.93
N VAL B 992 -16.00 28.08 18.74
CA VAL B 992 -16.12 29.52 19.02
C VAL B 992 -15.99 30.32 17.72
N VAL B 993 -14.92 30.06 16.96
CA VAL B 993 -14.65 30.86 15.77
C VAL B 993 -15.70 30.64 14.70
N GLY B 994 -16.12 29.39 14.49
CA GLY B 994 -17.13 29.13 13.47
C GLY B 994 -18.47 29.78 13.79
N THR B 995 -18.94 29.61 15.03
CA THR B 995 -20.20 30.24 15.41
C THR B 995 -20.11 31.76 15.34
N ALA B 996 -18.97 32.33 15.76
CA ALA B 996 -18.82 33.78 15.70
C ALA B 996 -18.80 34.27 14.27
N LEU B 997 -18.12 33.54 13.39
CA LEU B 997 -18.03 33.95 11.99
C LEU B 997 -19.40 33.93 11.32
N ILE B 998 -20.17 32.85 11.54
CA ILE B 998 -21.47 32.82 10.89
C ILE B 998 -22.48 33.75 11.56
N LYS B 999 -22.24 34.12 12.83
CA LYS B 999 -23.08 35.15 13.44
C LYS B 999 -22.74 36.54 12.91
N LYS B 1000 -21.48 36.76 12.54
CA LYS B 1000 -21.07 38.08 12.07
C LYS B 1000 -21.45 38.31 10.60
N TYR B 1001 -21.07 37.38 9.71
CA TYR B 1001 -21.31 37.51 8.28
C TYR B 1001 -22.17 36.34 7.81
N PRO B 1002 -23.50 36.44 7.97
CA PRO B 1002 -24.37 35.32 7.56
C PRO B 1002 -24.30 35.01 6.06
N LYS B 1003 -24.00 35.99 5.22
CA LYS B 1003 -23.92 35.74 3.79
C LYS B 1003 -22.85 34.72 3.43
N LEU B 1004 -21.94 34.42 4.36
CA LEU B 1004 -20.90 33.41 4.14
C LEU B 1004 -21.40 31.99 4.32
N GLU B 1005 -22.68 31.79 4.65
CA GLU B 1005 -23.18 30.44 4.88
C GLU B 1005 -22.95 29.55 3.65
N SER B 1006 -23.33 30.05 2.46
CA SER B 1006 -23.13 29.30 1.23
C SER B 1006 -21.68 28.86 1.04
N GLU B 1007 -20.74 29.55 1.69
CA GLU B 1007 -19.33 29.19 1.60
C GLU B 1007 -18.91 28.18 2.67
N PHE B 1008 -19.52 28.23 3.86
CA PHE B 1008 -19.06 27.43 4.99
C PHE B 1008 -20.06 26.38 5.46
N VAL B 1009 -21.35 26.58 5.23
CA VAL B 1009 -22.38 25.67 5.70
C VAL B 1009 -22.70 24.67 4.59
N TYR B 1010 -22.82 23.39 4.97
CA TYR B 1010 -23.17 22.36 4.01
C TYR B 1010 -24.62 22.51 3.57
N GLY B 1011 -24.88 22.27 2.28
CA GLY B 1011 -26.22 22.35 1.74
C GLY B 1011 -26.39 23.44 0.70
N PHE B 1038 -10.57 41.54 0.91
CA PHE B 1038 -11.71 41.25 1.78
C PHE B 1038 -11.51 39.95 2.54
N TYR B 1039 -10.98 38.93 1.86
CA TYR B 1039 -10.76 37.64 2.52
C TYR B 1039 -9.52 37.66 3.39
N SER B 1040 -8.53 38.49 3.07
CA SER B 1040 -7.36 38.62 3.93
C SER B 1040 -7.69 39.28 5.26
N ASN B 1041 -8.83 39.97 5.34
CA ASN B 1041 -9.22 40.73 6.53
C ASN B 1041 -10.52 40.19 7.13
N ILE B 1042 -10.88 38.95 6.83
CA ILE B 1042 -12.16 38.42 7.29
C ILE B 1042 -12.15 38.20 8.81
N MET B 1043 -10.99 37.93 9.38
CA MET B 1043 -10.85 37.67 10.81
C MET B 1043 -10.52 38.92 11.61
N ASN B 1044 -10.64 40.10 11.01
CA ASN B 1044 -10.22 41.33 11.68
C ASN B 1044 -11.22 41.81 12.72
N PHE B 1045 -12.49 41.41 12.62
CA PHE B 1045 -13.49 41.88 13.58
C PHE B 1045 -13.21 41.39 14.99
N PHE B 1046 -12.39 40.34 15.15
CA PHE B 1046 -11.99 39.92 16.49
C PHE B 1046 -11.01 40.91 17.11
N LYS B 1047 -10.08 41.43 16.32
CA LYS B 1047 -9.08 42.35 16.84
C LYS B 1047 -9.69 43.72 17.12
N THR B 1048 -8.96 44.53 17.90
CA THR B 1048 -9.34 45.91 18.19
C THR B 1048 -8.53 46.92 17.39
N GLU B 1049 -7.24 46.65 17.20
CA GLU B 1049 -6.36 47.47 16.37
C GLU B 1049 -5.80 46.61 15.26
N ILE B 1050 -5.93 47.06 14.01
CA ILE B 1050 -5.61 46.26 12.84
C ILE B 1050 -4.69 47.07 11.93
N THR B 1051 -3.54 46.49 11.59
CA THR B 1051 -2.62 47.12 10.65
C THR B 1051 -2.71 46.46 9.27
N GLY B 1055 -0.62 48.71 6.11
CA GLY B 1055 -0.54 49.59 7.26
C GLY B 1055 -1.76 50.44 7.48
N GLU B 1056 -2.81 49.81 8.04
CA GLU B 1056 -4.08 50.47 8.30
C GLU B 1056 -4.06 51.22 9.63
N ILE B 1057 -3.81 50.50 10.73
CA ILE B 1057 -3.88 51.05 12.09
C ILE B 1057 -5.25 51.69 12.28
N ARG B 1058 -6.30 50.97 11.91
CA ARG B 1058 -7.67 51.43 12.05
C ARG B 1058 -8.35 50.67 13.18
N LYS B 1059 -8.95 51.41 14.11
CA LYS B 1059 -9.51 50.82 15.32
C LYS B 1059 -10.88 50.19 15.04
N ARG B 1060 -11.34 49.40 16.00
CA ARG B 1060 -12.62 48.73 15.96
C ARG B 1060 -13.26 48.81 17.34
N PRO B 1061 -14.59 48.72 17.41
CA PRO B 1061 -15.26 48.82 18.71
C PRO B 1061 -15.01 47.60 19.57
N LEU B 1062 -15.36 47.73 20.85
CA LEU B 1062 -15.23 46.61 21.77
C LEU B 1062 -16.30 45.55 21.51
N ILE B 1063 -17.54 45.97 21.34
CA ILE B 1063 -18.66 45.06 21.14
C ILE B 1063 -18.92 44.95 19.65
N GLU B 1064 -18.58 43.81 19.06
CA GLU B 1064 -18.85 43.53 17.66
C GLU B 1064 -20.21 42.85 17.54
N THR B 1065 -21.06 43.40 16.68
CA THR B 1065 -22.42 42.94 16.49
C THR B 1065 -22.66 42.68 15.01
N ASN B 1066 -23.85 42.15 14.71
CA ASN B 1066 -24.25 41.92 13.34
C ASN B 1066 -24.86 43.20 12.76
N GLY B 1067 -24.59 43.45 11.47
CA GLY B 1067 -25.00 44.70 10.87
C GLY B 1067 -26.51 44.84 10.75
N GLU B 1068 -27.19 43.77 10.35
CA GLU B 1068 -28.63 43.85 10.12
C GLU B 1068 -29.44 43.41 11.35
N THR B 1069 -29.13 42.24 11.91
CA THR B 1069 -29.89 41.75 13.05
C THR B 1069 -29.59 42.51 14.32
N GLY B 1070 -28.46 43.23 14.39
CA GLY B 1070 -28.12 43.95 15.58
C GLY B 1070 -27.82 43.09 16.78
N GLU B 1071 -27.52 41.81 16.57
CA GLU B 1071 -27.24 40.88 17.66
C GLU B 1071 -25.76 40.90 18.00
N ILE B 1072 -25.46 40.91 19.29
CA ILE B 1072 -24.07 40.85 19.73
C ILE B 1072 -23.46 39.52 19.38
N VAL B 1073 -22.36 39.56 18.63
CA VAL B 1073 -21.59 38.37 18.29
C VAL B 1073 -20.30 38.26 19.10
N TRP B 1074 -19.69 39.36 19.54
CA TRP B 1074 -18.45 39.26 20.28
C TRP B 1074 -18.34 40.41 21.26
N ASP B 1075 -17.99 40.11 22.50
CA ASP B 1075 -17.72 41.13 23.52
C ASP B 1075 -16.25 40.97 23.91
N LYS B 1076 -15.40 41.87 23.40
CA LYS B 1076 -13.97 41.74 23.61
C LYS B 1076 -13.58 41.95 25.08
N GLY B 1077 -14.49 42.45 25.90
CA GLY B 1077 -14.21 42.62 27.32
C GLY B 1077 -14.44 41.40 28.18
N ARG B 1078 -15.24 40.41 27.68
CA ARG B 1078 -15.55 39.17 28.41
C ARG B 1078 -15.39 37.89 27.60
N ASP B 1079 -15.49 37.88 26.27
CA ASP B 1079 -15.44 36.59 25.57
C ASP B 1079 -14.02 36.04 25.50
N PHE B 1080 -13.02 36.93 25.39
CA PHE B 1080 -11.63 36.48 25.48
C PHE B 1080 -11.31 35.91 26.85
N ALA B 1081 -11.83 36.54 27.92
CA ALA B 1081 -11.66 35.99 29.25
C ALA B 1081 -12.35 34.64 29.38
N THR B 1082 -13.50 34.48 28.74
CA THR B 1082 -14.20 33.19 28.76
C THR B 1082 -13.37 32.11 28.06
N VAL B 1083 -12.80 32.44 26.90
CA VAL B 1083 -11.93 31.50 26.19
C VAL B 1083 -10.73 31.14 27.04
N ARG B 1084 -10.12 32.14 27.68
CA ARG B 1084 -8.94 31.89 28.51
C ARG B 1084 -9.30 31.02 29.72
N LYS B 1085 -10.49 31.22 30.28
CA LYS B 1085 -10.94 30.38 31.39
C LYS B 1085 -11.15 28.94 30.93
N VAL B 1086 -11.75 28.75 29.76
CA VAL B 1086 -12.00 27.40 29.25
C VAL B 1086 -10.67 26.69 28.99
N LEU B 1087 -9.72 27.37 28.34
CA LEU B 1087 -8.44 26.75 28.05
C LEU B 1087 -7.59 26.50 29.29
N SER B 1088 -8.04 26.94 30.48
CA SER B 1088 -7.30 26.72 31.71
C SER B 1088 -7.94 25.68 32.61
N MET B 1089 -9.06 25.10 32.20
CA MET B 1089 -9.74 24.11 33.03
C MET B 1089 -8.90 22.84 33.12
N PRO B 1090 -8.55 22.37 34.33
CA PRO B 1090 -7.73 21.16 34.42
C PRO B 1090 -8.50 19.88 34.12
N GLN B 1091 -9.82 19.88 34.25
CA GLN B 1091 -10.62 18.66 34.07
C GLN B 1091 -11.10 18.60 32.62
N VAL B 1092 -10.37 17.85 31.79
CA VAL B 1092 -10.73 17.61 30.41
C VAL B 1092 -10.83 16.09 30.20
N ASN B 1093 -11.88 15.66 29.49
CA ASN B 1093 -12.16 14.24 29.33
C ASN B 1093 -11.32 13.66 28.21
N ILE B 1094 -10.11 13.23 28.54
CA ILE B 1094 -9.26 12.52 27.59
C ILE B 1094 -9.50 11.03 27.77
N VAL B 1095 -9.93 10.36 26.69
CA VAL B 1095 -10.32 8.96 26.74
C VAL B 1095 -9.51 8.19 25.70
N LYS B 1096 -8.75 7.20 26.16
CA LYS B 1096 -8.02 6.31 25.27
C LYS B 1096 -8.93 5.14 24.93
N LYS B 1097 -9.30 5.02 23.66
CA LYS B 1097 -10.21 3.98 23.21
C LYS B 1097 -9.63 2.60 23.52
N THR B 1098 -10.33 1.84 24.37
CA THR B 1098 -9.92 0.47 24.65
C THR B 1098 -10.21 -0.41 23.46
N GLU B 1099 -9.25 -1.27 23.10
CA GLU B 1099 -9.36 -2.10 21.90
C GLU B 1099 -8.77 -3.48 22.14
N VAL B 1100 -9.55 -4.51 21.82
CA VAL B 1100 -9.02 -5.87 21.72
C VAL B 1100 -7.97 -5.91 20.63
N GLN B 1101 -6.80 -6.47 20.95
CA GLN B 1101 -5.73 -6.58 19.97
C GLN B 1101 -6.00 -7.73 19.01
N THR B 1102 -5.66 -7.51 17.74
CA THR B 1102 -5.86 -8.49 16.68
C THR B 1102 -4.58 -8.64 15.88
N GLY B 1103 -4.61 -9.54 14.91
CA GLY B 1103 -3.49 -9.70 13.99
C GLY B 1103 -2.72 -11.00 14.14
N GLY B 1104 -1.41 -10.94 13.96
CA GLY B 1104 -0.60 -12.14 14.04
C GLY B 1104 -0.50 -12.67 15.46
N PHE B 1105 -0.38 -13.99 15.55
CA PHE B 1105 -0.35 -14.65 16.86
C PHE B 1105 0.83 -14.19 17.70
N SER B 1106 2.00 -14.05 17.08
CA SER B 1106 3.23 -13.80 17.82
C SER B 1106 4.24 -13.13 16.89
N LYS B 1107 5.45 -12.96 17.38
CA LYS B 1107 6.58 -12.71 16.49
C LYS B 1107 6.72 -13.86 15.51
N GLU B 1108 7.19 -13.55 14.30
CA GLU B 1108 7.26 -14.56 13.25
C GLU B 1108 8.52 -15.41 13.31
N SER B 1109 9.56 -14.94 14.01
CA SER B 1109 10.83 -15.63 14.02
C SER B 1109 10.70 -17.04 14.57
N ILE B 1110 11.24 -18.02 13.83
CA ILE B 1110 11.28 -19.41 14.28
C ILE B 1110 12.56 -19.58 15.09
N LEU B 1111 12.42 -19.70 16.40
CA LEU B 1111 13.53 -19.74 17.35
C LEU B 1111 14.02 -21.17 17.55
N PRO B 1112 15.31 -21.34 17.78
CA PRO B 1112 15.86 -22.69 17.99
C PRO B 1112 15.37 -23.30 19.30
N LYS B 1113 15.55 -24.61 19.41
CA LYS B 1113 15.07 -25.34 20.58
C LYS B 1113 15.69 -24.77 21.85
N ARG B 1114 14.86 -24.70 22.90
CA ARG B 1114 15.25 -24.06 24.15
C ARG B 1114 14.45 -24.70 25.27
N ASN B 1115 15.01 -24.69 26.48
CA ASN B 1115 14.31 -25.21 27.66
C ASN B 1115 13.57 -24.05 28.31
N SER B 1116 12.40 -23.74 27.75
CA SER B 1116 11.57 -22.65 28.24
C SER B 1116 10.12 -22.92 27.86
N ASP B 1117 9.21 -22.70 28.81
CA ASP B 1117 7.78 -22.83 28.53
C ASP B 1117 7.23 -21.66 27.73
N LYS B 1118 8.05 -20.64 27.44
CA LYS B 1118 7.62 -19.54 26.58
C LYS B 1118 7.57 -19.92 25.12
N LEU B 1119 8.20 -21.04 24.73
CA LEU B 1119 8.20 -21.44 23.34
C LEU B 1119 6.85 -22.05 22.95
N ILE B 1120 6.46 -21.82 21.70
CA ILE B 1120 5.15 -22.23 21.18
C ILE B 1120 5.39 -23.17 20.02
N ALA B 1121 4.66 -24.29 20.01
CA ALA B 1121 4.85 -25.30 18.98
C ALA B 1121 4.34 -24.80 17.64
N ARG B 1122 5.17 -24.95 16.60
CA ARG B 1122 4.75 -24.58 15.25
C ARG B 1122 3.83 -25.61 14.63
N LYS B 1123 3.73 -26.80 15.22
CA LYS B 1123 2.79 -27.82 14.80
C LYS B 1123 2.39 -28.59 16.05
N LYS B 1124 1.23 -29.26 15.98
CA LYS B 1124 0.65 -29.86 17.17
C LYS B 1124 1.62 -30.80 17.89
N ASP B 1125 2.40 -31.55 17.13
CA ASP B 1125 3.26 -32.59 17.69
C ASP B 1125 4.72 -32.19 17.78
N TRP B 1126 5.05 -30.92 17.55
CA TRP B 1126 6.45 -30.48 17.54
C TRP B 1126 6.77 -29.82 18.87
N ASP B 1127 7.09 -30.67 19.85
CA ASP B 1127 7.53 -30.22 21.18
C ASP B 1127 8.66 -29.20 21.03
N PRO B 1128 8.43 -27.95 21.41
CA PRO B 1128 9.45 -26.90 21.19
C PRO B 1128 10.78 -27.19 21.87
N LYS B 1129 10.80 -28.05 22.89
CA LYS B 1129 12.07 -28.42 23.50
C LYS B 1129 12.94 -29.21 22.55
N LYS B 1130 12.34 -29.92 21.59
CA LYS B 1130 13.08 -30.63 20.56
C LYS B 1130 13.20 -29.87 19.25
N TYR B 1131 12.21 -29.05 18.90
CA TYR B 1131 12.13 -28.46 17.57
C TYR B 1131 12.17 -26.94 17.55
N GLY B 1132 12.15 -26.26 18.69
CA GLY B 1132 12.03 -24.82 18.69
C GLY B 1132 10.61 -24.36 18.40
N GLY B 1133 10.46 -23.09 18.08
CA GLY B 1133 9.15 -22.56 17.76
C GLY B 1133 9.08 -21.05 17.99
N PHE B 1134 7.87 -20.59 18.31
CA PHE B 1134 7.60 -19.16 18.48
C PHE B 1134 7.65 -18.76 19.95
N ASP B 1135 7.85 -17.47 20.18
CA ASP B 1135 7.61 -16.88 21.50
C ASP B 1135 6.91 -15.54 21.26
N SER B 1136 6.80 -14.75 22.32
CA SER B 1136 6.24 -13.40 22.27
C SER B 1136 4.87 -13.35 21.58
N PRO B 1137 3.86 -14.02 22.12
CA PRO B 1137 2.51 -13.91 21.56
C PRO B 1137 1.86 -12.60 21.95
N THR B 1138 0.86 -12.21 21.17
CA THR B 1138 0.10 -11.00 21.45
C THR B 1138 -1.09 -11.35 22.34
N VAL B 1139 -1.29 -10.58 23.40
CA VAL B 1139 -2.48 -10.70 24.22
C VAL B 1139 -3.63 -9.96 23.55
N ALA B 1140 -4.69 -10.70 23.20
CA ALA B 1140 -5.88 -10.05 22.67
C ALA B 1140 -6.56 -9.21 23.74
N TYR B 1141 -6.76 -9.78 24.93
CA TYR B 1141 -7.26 -9.04 26.08
C TYR B 1141 -7.01 -9.89 27.32
N SER B 1142 -6.95 -9.23 28.47
CA SER B 1142 -6.77 -9.94 29.73
C SER B 1142 -8.13 -10.30 30.32
N VAL B 1143 -8.12 -11.17 31.32
CA VAL B 1143 -9.33 -11.57 32.01
C VAL B 1143 -9.05 -11.61 33.50
N LEU B 1144 -9.87 -10.91 34.28
CA LEU B 1144 -9.81 -11.04 35.72
C LEU B 1144 -10.41 -12.38 36.12
N VAL B 1145 -9.61 -13.21 36.80
CA VAL B 1145 -10.07 -14.52 37.25
C VAL B 1145 -10.02 -14.55 38.76
N VAL B 1146 -11.09 -15.06 39.37
CA VAL B 1146 -11.17 -15.25 40.81
C VAL B 1146 -11.50 -16.72 41.03
N ALA B 1147 -10.56 -17.45 41.61
CA ALA B 1147 -10.71 -18.89 41.74
C ALA B 1147 -9.71 -19.46 42.73
N LYS B 1148 -9.44 -20.76 42.63
CA LYS B 1148 -8.46 -21.43 43.46
C LYS B 1148 -7.51 -22.22 42.58
N VAL B 1149 -6.26 -22.33 43.04
CA VAL B 1149 -5.24 -23.10 42.34
C VAL B 1149 -4.61 -24.07 43.33
N GLU B 1150 -4.20 -25.23 42.82
CA GLU B 1150 -3.52 -26.22 43.65
C GLU B 1150 -2.13 -25.73 44.04
N LYS B 1151 -1.77 -25.95 45.30
CA LYS B 1151 -0.50 -25.48 45.84
C LYS B 1151 0.21 -26.63 46.53
N GLY B 1152 1.46 -26.89 46.13
CA GLY B 1152 2.26 -27.92 46.74
C GLY B 1152 1.90 -29.32 46.23
N LYS B 1153 2.64 -30.31 46.74
CA LYS B 1153 2.38 -31.70 46.36
C LYS B 1153 1.02 -32.17 46.85
N SER B 1154 0.58 -31.68 48.01
CA SER B 1154 -0.75 -31.97 48.52
C SER B 1154 -1.86 -31.45 47.61
N LYS B 1155 -1.54 -30.55 46.68
CA LYS B 1155 -2.53 -29.93 45.78
C LYS B 1155 -3.61 -29.20 46.58
N LYS B 1156 -3.18 -28.47 47.60
CA LYS B 1156 -4.09 -27.72 48.45
C LYS B 1156 -4.64 -26.52 47.68
N LEU B 1157 -5.95 -26.31 47.76
CA LEU B 1157 -6.59 -25.23 47.02
C LEU B 1157 -6.39 -23.91 47.75
N LYS B 1158 -5.79 -22.94 47.05
CA LYS B 1158 -5.52 -21.61 47.59
C LYS B 1158 -6.23 -20.58 46.72
N SER B 1159 -7.03 -19.72 47.36
CA SER B 1159 -7.77 -18.69 46.63
C SER B 1159 -6.82 -17.69 45.99
N VAL B 1160 -7.07 -17.37 44.72
CA VAL B 1160 -6.26 -16.42 43.98
C VAL B 1160 -7.16 -15.44 43.25
N LYS B 1161 -6.56 -14.32 42.84
CA LYS B 1161 -7.20 -13.34 41.98
C LYS B 1161 -6.09 -12.73 41.14
N GLU B 1162 -6.16 -12.90 39.83
CA GLU B 1162 -5.04 -12.47 39.00
C GLU B 1162 -5.54 -12.16 37.59
N LEU B 1163 -4.65 -11.57 36.80
CA LEU B 1163 -4.91 -11.23 35.41
C LEU B 1163 -4.29 -12.29 34.52
N LEU B 1164 -5.10 -12.88 33.65
CA LEU B 1164 -4.65 -13.87 32.68
C LEU B 1164 -4.75 -13.29 31.28
N GLY B 1165 -3.64 -13.26 30.57
CA GLY B 1165 -3.64 -12.83 29.19
C GLY B 1165 -4.12 -13.89 28.23
N ILE B 1166 -5.27 -13.66 27.60
CA ILE B 1166 -5.78 -14.54 26.55
C ILE B 1166 -5.10 -14.13 25.25
N THR B 1167 -4.26 -15.00 24.70
CA THR B 1167 -3.56 -14.66 23.47
C THR B 1167 -4.51 -14.70 22.28
N ILE B 1168 -4.09 -14.05 21.20
CA ILE B 1168 -4.89 -14.04 19.98
C ILE B 1168 -5.19 -15.46 19.52
N MET B 1169 -4.19 -16.35 19.63
CA MET B 1169 -4.40 -17.73 19.19
C MET B 1169 -5.31 -18.50 20.16
N GLU B 1170 -5.31 -18.13 21.43
CA GLU B 1170 -6.17 -18.77 22.42
C GLU B 1170 -7.60 -18.27 22.41
N ARG B 1171 -7.88 -17.15 21.72
CA ARG B 1171 -9.11 -16.41 21.96
C ARG B 1171 -10.35 -17.22 21.63
N SER B 1172 -10.37 -17.86 20.46
CA SER B 1172 -11.55 -18.63 20.07
C SER B 1172 -11.83 -19.77 21.04
N SER B 1173 -10.76 -20.43 21.51
CA SER B 1173 -10.92 -21.51 22.48
C SER B 1173 -11.48 -20.97 23.79
N PHE B 1174 -10.97 -19.84 24.26
CA PHE B 1174 -11.46 -19.27 25.52
C PHE B 1174 -12.92 -18.86 25.40
N GLU B 1175 -13.28 -18.17 24.32
CA GLU B 1175 -14.65 -17.70 24.17
C GLU B 1175 -15.63 -18.84 23.86
N LYS B 1176 -15.15 -19.96 23.33
CA LYS B 1176 -16.03 -21.09 23.11
C LYS B 1176 -16.49 -21.71 24.43
N ASN B 1177 -15.60 -21.76 25.42
CA ASN B 1177 -15.91 -22.27 26.75
C ASN B 1177 -14.91 -21.70 27.75
N PRO B 1178 -15.24 -20.61 28.43
CA PRO B 1178 -14.25 -19.98 29.32
C PRO B 1178 -13.91 -20.83 30.54
N ILE B 1179 -14.90 -21.51 31.13
CA ILE B 1179 -14.64 -22.30 32.32
C ILE B 1179 -13.69 -23.45 32.02
N ASP B 1180 -13.90 -24.14 30.91
CA ASP B 1180 -13.03 -25.27 30.57
C ASP B 1180 -11.63 -24.80 30.18
N PHE B 1181 -11.53 -23.66 29.50
CA PHE B 1181 -10.22 -23.10 29.18
C PHE B 1181 -9.46 -22.76 30.46
N LEU B 1182 -10.11 -22.07 31.40
CA LEU B 1182 -9.46 -21.70 32.64
C LEU B 1182 -9.10 -22.92 33.47
N GLU B 1183 -9.95 -23.94 33.46
CA GLU B 1183 -9.64 -25.18 34.19
C GLU B 1183 -8.45 -25.89 33.59
N ALA B 1184 -8.37 -25.92 32.24
CA ALA B 1184 -7.19 -26.51 31.60
C ALA B 1184 -5.94 -25.69 31.89
N LYS B 1185 -6.09 -24.39 32.13
CA LYS B 1185 -4.97 -23.59 32.61
C LYS B 1185 -4.60 -23.91 34.05
N GLY B 1186 -5.44 -24.65 34.77
CA GLY B 1186 -5.17 -25.02 36.15
C GLY B 1186 -6.04 -24.33 37.20
N TYR B 1187 -6.98 -23.50 36.79
CA TYR B 1187 -7.84 -22.81 37.75
C TYR B 1187 -9.03 -23.67 38.16
N LYS B 1188 -9.32 -23.68 39.46
CA LYS B 1188 -10.41 -24.48 40.01
C LYS B 1188 -11.45 -23.56 40.65
N GLU B 1189 -12.71 -23.98 40.56
CA GLU B 1189 -13.83 -23.27 41.18
C GLU B 1189 -13.85 -21.80 40.78
N VAL B 1190 -13.96 -21.58 39.48
CA VAL B 1190 -13.90 -20.23 38.93
C VAL B 1190 -15.27 -19.56 39.09
N LYS B 1191 -15.28 -18.40 39.75
CA LYS B 1191 -16.48 -17.57 39.81
C LYS B 1191 -16.75 -17.02 38.42
N LYS B 1192 -17.66 -17.67 37.69
CA LYS B 1192 -17.93 -17.30 36.31
C LYS B 1192 -18.53 -15.90 36.21
N ASP B 1193 -19.32 -15.48 37.19
CA ASP B 1193 -19.93 -14.15 37.16
C ASP B 1193 -18.95 -13.05 37.50
N LEU B 1194 -17.80 -13.38 38.09
CA LEU B 1194 -16.77 -12.40 38.41
C LEU B 1194 -15.72 -12.28 37.31
N ILE B 1195 -15.95 -12.91 36.17
CA ILE B 1195 -15.00 -12.85 35.06
C ILE B 1195 -15.18 -11.51 34.35
N ILE B 1196 -14.12 -10.71 34.32
CA ILE B 1196 -14.14 -9.40 33.70
C ILE B 1196 -13.18 -9.41 32.51
N LYS B 1197 -13.73 -9.15 31.33
CA LYS B 1197 -12.92 -9.02 30.12
C LYS B 1197 -12.31 -7.62 30.08
N LEU B 1198 -10.98 -7.54 30.01
CA LEU B 1198 -10.26 -6.28 30.09
C LEU B 1198 -9.40 -6.11 28.85
N PRO B 1199 -9.84 -5.35 27.86
CA PRO B 1199 -9.00 -5.13 26.67
C PRO B 1199 -7.84 -4.20 27.00
N LYS B 1200 -6.96 -4.04 26.01
CA LYS B 1200 -5.84 -3.12 26.17
C LYS B 1200 -6.37 -1.71 26.43
N TYR B 1201 -5.66 -0.98 27.30
CA TYR B 1201 -5.91 0.40 27.72
C TYR B 1201 -7.04 0.52 28.75
N SER B 1202 -7.53 -0.57 29.30
CA SER B 1202 -8.49 -0.50 30.39
C SER B 1202 -7.93 0.33 31.54
N LEU B 1203 -8.77 1.16 32.13
CA LEU B 1203 -8.34 2.21 33.06
C LEU B 1203 -8.57 1.80 34.52
N PHE B 1204 -7.57 2.04 35.36
CA PHE B 1204 -7.61 1.76 36.79
C PHE B 1204 -7.14 2.98 37.56
N GLU B 1205 -7.86 3.31 38.64
CA GLU B 1205 -7.47 4.36 39.54
C GLU B 1205 -7.05 3.73 40.85
N LEU B 1206 -5.96 4.23 41.41
CA LEU B 1206 -5.38 3.71 42.65
C LEU B 1206 -5.40 4.84 43.69
N GLU B 1207 -4.31 5.14 44.40
CA GLU B 1207 -4.33 6.18 45.44
C GLU B 1207 -4.02 7.56 44.86
N ASN B 1208 -4.56 8.60 45.49
CA ASN B 1208 -4.22 9.99 45.15
C ASN B 1208 -4.49 10.30 43.68
N GLY B 1209 -5.54 9.67 43.14
CA GLY B 1209 -5.92 9.85 41.76
C GLY B 1209 -4.95 9.29 40.74
N ARG B 1210 -3.93 8.56 41.18
CA ARG B 1210 -2.99 7.92 40.26
C ARG B 1210 -3.73 6.90 39.40
N LYS B 1211 -3.43 6.90 38.11
CA LYS B 1211 -4.13 6.06 37.16
C LYS B 1211 -3.14 5.24 36.34
N ARG B 1212 -3.59 4.05 35.96
CA ARG B 1212 -2.81 3.11 35.15
C ARG B 1212 -3.70 2.53 34.07
N MET B 1213 -3.14 2.33 32.89
CA MET B 1213 -3.85 1.70 31.80
C MET B 1213 -3.25 0.32 31.53
N LEU B 1214 -4.10 -0.61 31.08
CA LEU B 1214 -3.64 -1.96 30.80
C LEU B 1214 -2.89 -1.98 29.48
N ALA B 1215 -1.59 -2.26 29.54
CA ALA B 1215 -0.81 -2.49 28.33
C ALA B 1215 -0.83 -3.95 27.91
N SER B 1216 -0.96 -4.85 28.87
CA SER B 1216 -0.97 -6.30 28.66
C SER B 1216 -1.46 -6.94 29.95
N ALA B 1217 -1.35 -8.25 30.04
CA ALA B 1217 -1.63 -8.94 31.30
C ALA B 1217 -0.53 -8.71 32.32
N GLY B 1218 0.65 -8.28 31.88
CA GLY B 1218 1.77 -8.14 32.79
C GLY B 1218 2.45 -6.79 32.80
N GLU B 1219 1.90 -5.82 32.08
CA GLU B 1219 2.51 -4.49 32.02
C GLU B 1219 1.43 -3.42 31.97
N LEU B 1220 1.72 -2.27 32.59
CA LEU B 1220 0.84 -1.13 32.65
C LEU B 1220 1.48 0.09 31.98
N GLN B 1221 0.63 1.02 31.55
CA GLN B 1221 1.01 2.32 31.02
C GLN B 1221 0.55 3.43 31.96
N LYS B 1222 1.17 4.59 31.81
CA LYS B 1222 0.77 5.77 32.57
C LYS B 1222 -0.65 6.18 32.18
N GLY B 1223 -1.44 6.56 33.19
CA GLY B 1223 -2.85 6.84 32.96
C GLY B 1223 -3.33 8.23 33.34
N ASN B 1224 -2.43 9.12 33.75
CA ASN B 1224 -2.80 10.46 34.17
C ASN B 1224 -2.33 11.50 33.17
N GLU B 1225 -3.15 12.55 33.00
CA GLU B 1225 -2.77 13.71 32.21
C GLU B 1225 -2.28 14.81 33.13
N LEU B 1226 -1.27 15.55 32.68
CA LEU B 1226 -0.68 16.64 33.46
C LEU B 1226 -1.31 17.96 32.99
N ALA B 1227 -2.24 18.49 33.80
CA ALA B 1227 -2.91 19.74 33.49
C ALA B 1227 -2.02 20.89 33.94
N LEU B 1228 -1.16 21.35 33.03
CA LEU B 1228 -0.26 22.46 33.33
C LEU B 1228 -0.97 23.79 33.12
N PRO B 1229 -0.75 24.77 34.00
CA PRO B 1229 -1.40 26.08 33.82
C PRO B 1229 -0.98 26.75 32.52
N SER B 1230 -1.91 27.51 31.95
CA SER B 1230 -1.69 28.10 30.63
C SER B 1230 -0.56 29.13 30.63
N LYS B 1231 -0.27 29.75 31.77
CA LYS B 1231 0.85 30.67 31.85
C LYS B 1231 2.16 29.99 31.48
N TYR B 1232 2.42 28.83 32.08
CA TYR B 1232 3.62 28.07 31.74
C TYR B 1232 3.58 27.61 30.29
N VAL B 1233 2.40 27.31 29.77
CA VAL B 1233 2.29 26.89 28.37
C VAL B 1233 2.77 28.00 27.44
N ASN B 1234 2.25 29.21 27.65
CA ASN B 1234 2.65 30.33 26.79
C ASN B 1234 4.11 30.71 27.02
N PHE B 1235 4.59 30.61 28.26
CA PHE B 1235 6.00 30.91 28.52
C PHE B 1235 6.91 29.93 27.80
N LEU B 1236 6.59 28.63 27.85
CA LEU B 1236 7.38 27.64 27.13
C LEU B 1236 7.32 27.88 25.63
N TYR B 1237 6.14 28.21 25.10
CA TYR B 1237 6.02 28.51 23.68
C TYR B 1237 6.95 29.65 23.29
N LEU B 1238 6.90 30.75 24.04
CA LEU B 1238 7.71 31.91 23.66
C LEU B 1238 9.20 31.69 23.91
N ALA B 1239 9.57 30.89 24.91
CA ALA B 1239 10.97 30.66 25.19
C ALA B 1239 11.59 29.68 24.20
N SER B 1240 10.81 28.72 23.71
CA SER B 1240 11.34 27.74 22.76
C SER B 1240 11.58 28.39 21.40
N HIS B 1241 10.54 28.96 20.80
CA HIS B 1241 10.66 29.61 19.50
C HIS B 1241 11.01 31.09 19.70
N TYR B 1242 12.21 31.32 20.21
CA TYR B 1242 12.65 32.68 20.50
C TYR B 1242 12.76 33.51 19.23
N GLU B 1243 13.25 32.89 18.15
CA GLU B 1243 13.35 33.57 16.86
C GLU B 1243 11.97 33.88 16.29
N SER B 1248 7.90 40.74 11.80
CA SER B 1248 8.49 40.74 13.13
C SER B 1248 8.23 42.04 13.86
N PRO B 1249 7.01 42.22 14.38
CA PRO B 1249 6.66 43.47 15.07
C PRO B 1249 7.41 43.59 16.39
N GLU B 1250 7.31 44.78 16.98
CA GLU B 1250 7.87 45.02 18.32
C GLU B 1250 7.27 44.08 19.36
N ASP B 1251 6.12 43.48 19.05
CA ASP B 1251 5.55 42.47 19.93
C ASP B 1251 6.51 41.31 20.14
N ASN B 1252 7.40 41.05 19.17
CA ASN B 1252 8.46 40.07 19.40
C ASN B 1252 9.38 40.52 20.53
N GLU B 1253 9.76 41.80 20.55
CA GLU B 1253 10.56 42.32 21.65
C GLU B 1253 9.80 42.22 22.97
N GLN B 1254 8.50 42.50 22.96
CA GLN B 1254 7.73 42.38 24.20
C GLN B 1254 7.61 40.93 24.67
N LYS B 1255 7.50 39.98 23.73
CA LYS B 1255 7.48 38.57 24.10
C LYS B 1255 8.82 38.13 24.68
N GLN B 1256 9.92 38.62 24.10
CA GLN B 1256 11.23 38.35 24.68
C GLN B 1256 11.34 38.94 26.09
N LEU B 1257 10.75 40.12 26.29
CA LEU B 1257 10.73 40.71 27.64
C LEU B 1257 9.90 39.87 28.60
N PHE B 1258 8.77 39.33 28.13
CA PHE B 1258 7.97 38.44 28.96
C PHE B 1258 8.77 37.19 29.34
N VAL B 1259 9.54 36.66 28.39
CA VAL B 1259 10.36 35.47 28.66
C VAL B 1259 11.42 35.79 29.71
N GLU B 1260 12.14 36.90 29.51
CA GLU B 1260 13.24 37.22 30.42
C GLU B 1260 12.74 37.62 31.80
N GLN B 1261 11.54 38.22 31.88
CA GLN B 1261 11.00 38.59 33.19
C GLN B 1261 10.47 37.38 33.94
N HIS B 1262 10.06 36.33 33.22
CA HIS B 1262 9.49 35.12 33.82
C HIS B 1262 10.39 33.91 33.66
N LYS B 1263 11.71 34.10 33.77
CA LYS B 1263 12.62 32.96 33.72
C LYS B 1263 12.38 32.01 34.88
N HIS B 1264 12.06 32.57 36.06
CA HIS B 1264 11.79 31.75 37.24
C HIS B 1264 10.75 30.68 36.98
N TYR B 1265 9.83 30.94 36.04
CA TYR B 1265 8.80 29.96 35.68
C TYR B 1265 9.40 28.58 35.45
N LEU B 1266 10.58 28.53 34.84
CA LEU B 1266 11.30 27.27 34.66
C LEU B 1266 11.25 26.41 35.91
N ASP B 1267 11.80 26.93 37.01
CA ASP B 1267 11.78 26.21 38.28
C ASP B 1267 10.36 25.76 38.61
N GLU B 1268 9.41 26.70 38.58
CA GLU B 1268 8.03 26.36 38.88
C GLU B 1268 7.55 25.20 38.02
N ILE B 1269 7.79 25.28 36.72
CA ILE B 1269 7.44 24.19 35.81
C ILE B 1269 8.02 22.88 36.33
N ILE B 1270 9.34 22.87 36.54
CA ILE B 1270 10.01 21.70 37.09
C ILE B 1270 9.28 21.23 38.33
N GLU B 1271 9.05 22.15 39.27
CA GLU B 1271 8.37 21.80 40.51
C GLU B 1271 7.05 21.08 40.21
N GLN B 1272 6.22 21.70 39.36
CA GLN B 1272 4.97 21.08 38.96
C GLN B 1272 5.21 19.64 38.52
N ILE B 1273 6.08 19.47 37.52
CA ILE B 1273 6.41 18.15 37.02
C ILE B 1273 6.78 17.23 38.17
N SER B 1274 7.73 17.68 39.00
CA SER B 1274 8.20 16.86 40.11
C SER B 1274 7.02 16.37 40.93
N GLU B 1275 6.16 17.30 41.36
CA GLU B 1275 5.01 16.92 42.16
C GLU B 1275 4.20 15.84 41.44
N PHE B 1276 3.79 16.16 40.20
CA PHE B 1276 3.06 15.20 39.38
C PHE B 1276 3.76 13.85 39.40
N SER B 1277 5.06 13.85 39.13
CA SER B 1277 5.82 12.61 39.11
C SER B 1277 5.67 11.89 40.45
N LYS B 1278 6.02 12.56 41.54
CA LYS B 1278 6.01 11.93 42.85
C LYS B 1278 4.61 11.47 43.24
N ARG B 1279 3.59 11.96 42.55
CA ARG B 1279 2.23 11.51 42.81
C ARG B 1279 1.76 10.40 41.89
N VAL B 1280 2.19 10.38 40.63
CA VAL B 1280 1.54 9.47 39.68
C VAL B 1280 2.56 8.66 38.86
N ILE B 1281 3.75 9.21 38.64
CA ILE B 1281 4.72 8.51 37.79
C ILE B 1281 5.49 7.46 38.59
N LEU B 1282 6.03 7.86 39.75
CA LEU B 1282 6.76 6.96 40.64
C LEU B 1282 8.00 6.37 39.95
N ALA B 1283 8.78 7.25 39.31
CA ALA B 1283 10.06 6.90 38.69
C ALA B 1283 11.15 7.62 39.46
N ASP B 1284 11.50 7.08 40.63
CA ASP B 1284 12.42 7.75 41.54
C ASP B 1284 13.77 8.02 40.88
N ALA B 1285 14.41 6.97 40.36
CA ALA B 1285 15.72 7.13 39.75
C ALA B 1285 15.66 8.09 38.57
N ASN B 1286 14.63 7.96 37.73
CA ASN B 1286 14.51 8.83 36.58
C ASN B 1286 14.25 10.27 37.00
N LEU B 1287 13.39 10.49 37.99
CA LEU B 1287 13.13 11.84 38.47
C LEU B 1287 14.39 12.47 39.06
N ASP B 1288 15.22 11.66 39.74
CA ASP B 1288 16.46 12.19 40.31
C ASP B 1288 17.46 12.53 39.22
N LYS B 1289 17.60 11.66 38.21
CA LYS B 1289 18.43 11.98 37.07
C LYS B 1289 17.96 13.26 36.40
N VAL B 1290 16.65 13.45 36.30
CA VAL B 1290 16.09 14.65 35.69
C VAL B 1290 16.46 15.89 36.50
N LEU B 1291 16.26 15.82 37.81
CA LEU B 1291 16.59 16.95 38.67
C LEU B 1291 18.07 17.30 38.57
N SER B 1292 18.93 16.29 38.58
CA SER B 1292 20.38 16.54 38.48
C SER B 1292 20.74 17.14 37.14
N ALA B 1293 20.14 16.65 36.06
CA ALA B 1293 20.45 17.19 34.73
C ALA B 1293 19.96 18.62 34.58
N TYR B 1294 18.80 18.94 35.19
CA TYR B 1294 18.32 20.32 35.15
C TYR B 1294 19.20 21.23 35.98
N ASN B 1295 19.68 20.74 37.13
CA ASN B 1295 20.59 21.55 37.94
C ASN B 1295 21.93 21.75 37.24
N LYS B 1296 22.35 20.80 36.41
CA LYS B 1296 23.62 20.93 35.71
C LYS B 1296 23.55 21.99 34.62
N HIS B 1297 22.52 21.95 33.79
CA HIS B 1297 22.37 22.87 32.66
C HIS B 1297 21.48 24.06 33.00
N ARG B 1298 21.39 24.42 34.28
CA ARG B 1298 20.63 25.60 34.67
C ARG B 1298 21.31 26.89 34.22
N ASP B 1299 22.60 26.82 33.90
CA ASP B 1299 23.35 27.96 33.38
C ASP B 1299 23.22 28.12 31.87
N LYS B 1300 22.42 27.29 31.22
CA LYS B 1300 22.28 27.31 29.77
C LYS B 1300 21.36 28.44 29.32
N PRO B 1301 21.40 28.78 28.03
CA PRO B 1301 20.42 29.75 27.50
C PRO B 1301 19.00 29.25 27.72
N ILE B 1302 18.10 30.20 28.00
CA ILE B 1302 16.72 29.86 28.35
C ILE B 1302 16.03 29.12 27.21
N ARG B 1303 16.38 29.42 25.97
CA ARG B 1303 15.75 28.77 24.83
C ARG B 1303 15.99 27.27 24.85
N GLU B 1304 17.26 26.86 24.99
CA GLU B 1304 17.58 25.44 25.00
C GLU B 1304 17.01 24.75 26.23
N GLN B 1305 17.00 25.43 27.37
CA GLN B 1305 16.41 24.84 28.57
C GLN B 1305 14.91 24.61 28.39
N ALA B 1306 14.21 25.55 27.76
CA ALA B 1306 12.78 25.35 27.50
C ALA B 1306 12.56 24.20 26.53
N GLU B 1307 13.38 24.11 25.47
CA GLU B 1307 13.26 22.99 24.56
C GLU B 1307 13.48 21.66 25.27
N ASN B 1308 14.48 21.59 26.14
CA ASN B 1308 14.76 20.35 26.85
C ASN B 1308 13.72 20.05 27.93
N ILE B 1309 13.03 21.06 28.44
CA ILE B 1309 11.91 20.78 29.35
C ILE B 1309 10.72 20.23 28.56
N ILE B 1310 10.49 20.76 27.36
CA ILE B 1310 9.51 20.16 26.46
C ILE B 1310 9.85 18.69 26.23
N HIS B 1311 11.14 18.39 26.05
CA HIS B 1311 11.57 16.99 25.98
C HIS B 1311 11.26 16.25 27.29
N LEU B 1312 11.53 16.90 28.41
CA LEU B 1312 11.31 16.29 29.72
C LEU B 1312 9.86 15.87 29.91
N PHE B 1313 8.93 16.55 29.25
CA PHE B 1313 7.51 16.19 29.39
C PHE B 1313 7.21 14.75 28.98
N THR B 1314 8.14 14.06 28.31
CA THR B 1314 7.93 12.65 27.98
C THR B 1314 7.74 11.79 29.22
N LEU B 1315 8.41 12.15 30.33
CA LEU B 1315 8.29 11.37 31.56
C LEU B 1315 6.86 11.32 32.07
N THR B 1316 6.07 12.36 31.83
CA THR B 1316 4.73 12.46 32.40
C THR B 1316 3.62 12.18 31.40
N ASN B 1317 3.93 12.07 30.11
CA ASN B 1317 2.89 11.93 29.10
C ASN B 1317 2.07 10.67 29.33
N LEU B 1318 0.77 10.76 29.01
CA LEU B 1318 -0.10 9.61 29.06
C LEU B 1318 0.40 8.52 28.13
N GLY B 1319 0.16 7.27 28.52
CA GLY B 1319 0.45 6.13 27.67
C GLY B 1319 1.71 5.39 28.05
N ALA B 1320 2.27 4.72 27.05
CA ALA B 1320 3.41 3.84 27.27
C ALA B 1320 4.65 4.65 27.61
N PRO B 1321 5.44 4.20 28.59
CA PRO B 1321 6.69 4.91 28.90
C PRO B 1321 7.65 4.88 27.72
N ALA B 1322 8.47 5.92 27.63
CA ALA B 1322 9.39 6.07 26.51
C ALA B 1322 10.63 6.83 26.98
N ALA B 1323 11.78 6.44 26.46
CA ALA B 1323 13.00 7.15 26.76
C ALA B 1323 12.98 8.53 26.13
N PHE B 1324 13.79 9.44 26.69
CA PHE B 1324 13.89 10.79 26.18
C PHE B 1324 15.28 11.33 26.50
N LYS B 1325 15.56 12.55 26.04
CA LYS B 1325 16.89 13.11 26.14
C LYS B 1325 16.81 14.54 26.63
N TYR B 1326 17.37 14.80 27.81
CA TYR B 1326 17.53 16.14 28.35
C TYR B 1326 18.98 16.55 28.13
N PHE B 1327 19.21 17.46 27.17
CA PHE B 1327 20.55 17.88 26.73
C PHE B 1327 21.28 16.63 26.26
N ASP B 1328 22.44 16.29 26.80
CA ASP B 1328 23.16 15.08 26.42
C ASP B 1328 22.91 13.92 27.36
N THR B 1329 21.89 14.02 28.22
CA THR B 1329 21.57 12.96 29.17
C THR B 1329 20.36 12.19 28.65
N THR B 1330 20.46 10.85 28.66
CA THR B 1330 19.39 9.99 28.18
C THR B 1330 18.70 9.35 29.37
N ILE B 1331 17.38 9.52 29.44
CA ILE B 1331 16.55 8.93 30.49
C ILE B 1331 15.78 7.77 29.85
N ASP B 1332 16.11 6.56 30.26
CA ASP B 1332 15.44 5.37 29.75
C ASP B 1332 14.07 5.22 30.38
N ARG B 1333 13.18 4.55 29.66
CA ARG B 1333 11.81 4.35 30.14
C ARG B 1333 11.81 3.50 31.40
N LYS B 1334 11.05 3.95 32.39
CA LYS B 1334 10.80 3.16 33.60
C LYS B 1334 9.43 2.50 33.42
N ARG B 1335 9.43 1.20 33.17
CA ARG B 1335 8.21 0.49 32.84
C ARG B 1335 7.55 -0.05 34.10
N TYR B 1336 6.27 -0.38 33.97
CA TYR B 1336 5.46 -0.93 35.05
C TYR B 1336 5.25 -2.40 34.73
N THR B 1337 6.16 -3.24 35.23
CA THR B 1337 6.24 -4.65 34.85
C THR B 1337 5.33 -5.53 35.67
N SER B 1338 4.37 -4.96 36.39
CA SER B 1338 3.48 -5.73 37.25
C SER B 1338 2.08 -5.15 37.17
N THR B 1339 1.08 -6.03 37.07
CA THR B 1339 -0.32 -5.65 37.09
C THR B 1339 -1.00 -6.07 38.39
N LYS B 1340 -0.22 -6.28 39.46
CA LYS B 1340 -0.79 -6.82 40.69
C LYS B 1340 -1.60 -5.76 41.43
N GLU B 1341 -1.17 -4.50 41.39
CA GLU B 1341 -1.83 -3.47 42.19
C GLU B 1341 -3.23 -3.17 41.68
N VAL B 1342 -3.41 -3.15 40.35
CA VAL B 1342 -4.73 -2.85 39.80
C VAL B 1342 -5.75 -3.94 40.11
N LEU B 1343 -5.31 -5.07 40.67
CA LEU B 1343 -6.24 -6.08 41.12
C LEU B 1343 -7.02 -5.66 42.36
N ASP B 1344 -6.54 -4.63 43.08
CA ASP B 1344 -7.25 -4.08 44.22
C ASP B 1344 -7.64 -2.63 44.01
N ALA B 1345 -7.56 -2.12 42.79
CA ALA B 1345 -7.81 -0.73 42.47
C ALA B 1345 -9.26 -0.57 42.02
N THR B 1346 -9.57 0.56 41.38
CA THR B 1346 -10.90 0.87 40.89
C THR B 1346 -10.87 0.86 39.37
N LEU B 1347 -11.52 -0.13 38.77
CA LEU B 1347 -11.67 -0.19 37.32
C LEU B 1347 -12.70 0.82 36.86
N ILE B 1348 -12.40 1.54 35.79
CA ILE B 1348 -13.27 2.61 35.28
C ILE B 1348 -13.65 2.25 33.84
N HIS B 1349 -14.92 1.95 33.62
CA HIS B 1349 -15.49 1.81 32.28
C HIS B 1349 -15.97 3.18 31.83
N GLN B 1350 -15.35 3.72 30.79
CA GLN B 1350 -15.71 5.03 30.25
C GLN B 1350 -16.51 4.86 28.97
N SER B 1351 -17.55 5.68 28.82
CA SER B 1351 -18.20 5.78 27.53
C SER B 1351 -17.27 6.48 26.54
N ILE B 1352 -17.75 6.70 25.32
CA ILE B 1352 -16.87 7.23 24.28
C ILE B 1352 -16.38 8.63 24.64
N THR B 1353 -17.24 9.44 25.27
CA THR B 1353 -16.84 10.78 25.70
C THR B 1353 -16.25 10.82 27.09
N GLY B 1354 -16.29 9.71 27.82
CA GLY B 1354 -15.86 9.69 29.21
C GLY B 1354 -16.80 10.36 30.19
N LEU B 1355 -17.93 10.89 29.70
CA LEU B 1355 -18.89 11.53 30.59
C LEU B 1355 -19.65 10.50 31.42
N TYR B 1356 -19.96 9.34 30.82
CA TYR B 1356 -20.66 8.26 31.50
C TYR B 1356 -19.64 7.25 31.98
N GLU B 1357 -19.64 6.97 33.28
CA GLU B 1357 -18.65 6.09 33.89
C GLU B 1357 -19.33 5.00 34.71
N THR B 1358 -18.73 3.81 34.69
CA THR B 1358 -19.05 2.75 35.65
C THR B 1358 -17.78 2.39 36.39
N ARG B 1359 -17.78 2.59 37.71
CA ARG B 1359 -16.59 2.39 38.52
C ARG B 1359 -16.79 1.16 39.40
N ILE B 1360 -15.89 0.19 39.26
CA ILE B 1360 -15.96 -1.07 40.00
C ILE B 1360 -14.77 -1.13 40.95
N ASP B 1361 -15.06 -1.26 42.25
CA ASP B 1361 -14.02 -1.45 43.26
C ASP B 1361 -13.63 -2.92 43.26
N LEU B 1362 -12.43 -3.22 42.76
CA LEU B 1362 -11.98 -4.60 42.63
C LEU B 1362 -11.47 -5.20 43.93
N SER B 1363 -11.11 -4.37 44.92
CA SER B 1363 -10.70 -4.91 46.21
C SER B 1363 -11.83 -5.66 46.91
N GLN B 1364 -13.08 -5.44 46.50
CA GLN B 1364 -14.21 -6.13 47.08
C GLN B 1364 -14.36 -7.56 46.57
N LEU B 1365 -13.65 -7.93 45.51
CA LEU B 1365 -13.71 -9.27 44.94
C LEU B 1365 -12.56 -10.12 45.48
N GLY B 1366 -12.87 -11.36 45.82
CA GLY B 1366 -11.88 -12.29 46.35
C GLY B 1366 -12.43 -13.21 47.42
MG MG E . -0.78 -24.89 6.34
MG MG F . 15.32 -22.54 1.36
K K G . -8.38 -4.63 14.67
K K H . -14.66 3.16 26.03
K K I . 19.65 -22.34 2.45
K K J . -6.97 -4.75 -22.12
K K K . 24.73 -17.08 7.15
K K L . 35.59 3.91 -28.62
K K M . 12.79 -44.53 15.83
K K N . -7.77 23.46 -24.53
#